data_7MX6
#
_entry.id   7MX6
#
_cell.length_a   142.195
_cell.length_b   142.195
_cell.length_c   68.735
_cell.angle_alpha   90.000
_cell.angle_beta   90.000
_cell.angle_gamma   120.000
#
_symmetry.space_group_name_H-M   'P 61'
#
loop_
_entity.id
_entity.type
_entity.pdbx_description
1 polymer 'Dihydroorotate dehydrogenase (fumarate)'
2 non-polymer 'FLAVIN MONONUCLEOTIDE'
3 non-polymer 4-(1H-pyrrol-1-yl)aniline
4 non-polymer 'SULFATE ION'
5 non-polymer GLYCEROL
6 water water
#
_entity_poly.entity_id   1
_entity_poly.type   'polypeptide(L)'
_entity_poly.pdbx_seq_one_letter_code
;SMSLQVNLLNNTFANPFMNAAGVMCTTTEELVAMTESASGSLVSKSCTPALREGNPTPRYQALPLGSINSMGLPNNGFDF
YLAYAAEQHDYGKKPLFLSMSGLSMRENVEMCKRLAAVATEKGVILELNLSCPNVPGKPQVAYDFDAMRQCLTAVSEVYP
HSFGVKMPPYFDFAHFDAAAEILNEFPKVQFITCINSIGNGLVIDAETESVVIKPKQGFGGLGGRYVLPTALANINAFYR
RCPGKLIFGCGGVYTGEDAFLHVLAGASMVQVGTALQEEGPSIFERLTSELLGVMAKKRYQTLDEFRGKVRTLDGTAEST
R
;
_entity_poly.pdbx_strand_id   AAA,BBB
#
loop_
_chem_comp.id
_chem_comp.type
_chem_comp.name
_chem_comp.formula
FMN non-polymer 'FLAVIN MONONUCLEOTIDE' 'C17 H21 N4 O9 P'
GOL non-polymer GLYCEROL 'C3 H8 O3'
SNU non-polymer 4-(1H-pyrrol-1-yl)aniline 'C10 H10 N2'
SO4 non-polymer 'SULFATE ION' 'O4 S -2'
#
# COMPACT_ATOMS: atom_id res chain seq x y z
N SER A 1 3.75 -29.13 26.08
CA SER A 1 2.98 -29.56 24.89
C SER A 1 3.20 -28.62 23.70
N MET A 2 3.11 -27.30 23.92
CA MET A 2 3.25 -26.26 22.86
C MET A 2 4.45 -25.38 23.17
N SER A 3 5.04 -24.78 22.14
CA SER A 3 6.19 -23.84 22.28
C SER A 3 6.08 -22.77 21.21
N LEU A 4 6.25 -21.51 21.62
CA LEU A 4 6.46 -20.36 20.70
C LEU A 4 7.95 -20.17 20.46
N GLN A 5 8.78 -21.07 20.96
CA GLN A 5 10.25 -20.92 20.85
C GLN A 5 10.63 -20.74 19.37
N VAL A 6 11.59 -19.86 19.13
CA VAL A 6 12.19 -19.62 17.79
C VAL A 6 13.70 -19.70 17.97
N ASN A 7 14.36 -20.44 17.09
CA ASN A 7 15.84 -20.57 17.08
C ASN A 7 16.34 -20.02 15.76
N LEU A 8 17.08 -18.91 15.80
CA LEU A 8 17.65 -18.30 14.59
C LEU A 8 18.76 -17.32 14.99
N LEU A 9 19.68 -17.07 14.06
CA LEU A 9 20.81 -16.13 14.22
C LEU A 9 21.61 -16.51 15.47
N ASN A 10 21.78 -17.80 15.72
N ASN A 10 21.81 -17.81 15.69
CA ASN A 10 22.59 -18.34 16.86
CA ASN A 10 22.58 -18.37 16.84
C ASN A 10 21.97 -17.87 18.18
C ASN A 10 21.98 -17.86 18.16
N ASN A 11 20.66 -17.67 18.20
CA ASN A 11 19.93 -17.20 19.40
C ASN A 11 18.71 -18.09 19.61
N THR A 12 18.24 -18.13 20.85
CA THR A 12 16.95 -18.73 21.24
C THR A 12 16.04 -17.60 21.66
N PHE A 13 14.82 -17.60 21.14
CA PHE A 13 13.76 -16.62 21.46
C PHE A 13 12.63 -17.40 22.10
N ALA A 14 12.15 -16.95 23.26
CA ALA A 14 11.03 -17.56 24.00
C ALA A 14 9.78 -17.57 23.13
N ASN A 15 9.62 -16.55 22.28
CA ASN A 15 8.46 -16.40 21.37
C ASN A 15 8.88 -15.49 20.23
N PRO A 16 8.12 -15.44 19.12
CA PRO A 16 8.53 -14.69 17.94
C PRO A 16 8.28 -13.18 18.05
N PHE A 17 7.60 -12.74 19.11
CA PHE A 17 7.13 -11.34 19.22
C PHE A 17 8.27 -10.42 19.61
N MET A 18 8.24 -9.26 18.98
CA MET A 18 9.10 -8.13 19.37
C MET A 18 8.38 -6.86 18.96
N ASN A 19 8.89 -5.73 19.41
CA ASN A 19 8.38 -4.43 18.93
C ASN A 19 8.85 -4.26 17.49
N ALA A 20 8.09 -3.50 16.71
CA ALA A 20 8.52 -2.90 15.43
C ALA A 20 9.51 -1.78 15.77
N ALA A 21 10.58 -1.63 14.99
CA ALA A 21 11.55 -0.53 15.18
C ALA A 21 10.76 0.79 15.24
N GLY A 22 11.12 1.62 16.20
CA GLY A 22 10.56 2.99 16.37
C GLY A 22 9.36 3.02 17.30
N VAL A 23 8.78 1.88 17.64
CA VAL A 23 7.65 1.85 18.60
C VAL A 23 8.19 1.36 19.94
N MET A 24 8.02 2.22 20.95
N MET A 24 8.02 2.15 21.00
CA MET A 24 8.32 1.98 22.39
CA MET A 24 8.30 1.69 22.39
C MET A 24 9.73 1.40 22.51
C MET A 24 9.78 1.33 22.54
N CYS A 25 10.71 2.10 21.96
CA CYS A 25 12.12 1.65 21.93
C CYS A 25 13.10 2.80 21.69
N THR A 26 12.74 4.03 22.07
CA THR A 26 13.61 5.21 21.88
C THR A 26 14.41 5.48 23.15
N THR A 27 13.76 5.42 24.31
CA THR A 27 14.33 5.84 25.60
C THR A 27 14.82 4.62 26.38
N THR A 28 15.70 4.83 27.36
CA THR A 28 16.13 3.77 28.31
C THR A 28 14.88 3.08 28.87
N GLU A 29 13.92 3.85 29.37
CA GLU A 29 12.71 3.31 30.06
C GLU A 29 11.96 2.39 29.08
N GLU A 30 11.88 2.80 27.81
CA GLU A 30 11.15 2.01 26.78
C GLU A 30 11.91 0.72 26.53
N LEU A 31 13.24 0.80 26.37
CA LEU A 31 14.08 -0.38 26.08
C LEU A 31 14.00 -1.33 27.28
N VAL A 32 14.11 -0.81 28.50
CA VAL A 32 13.97 -1.63 29.75
C VAL A 32 12.58 -2.28 29.75
N ALA A 33 11.51 -1.52 29.46
CA ALA A 33 10.12 -2.02 29.49
C ALA A 33 9.98 -3.16 28.47
N MET A 34 10.57 -3.00 27.28
CA MET A 34 10.55 -4.04 26.23
C MET A 34 11.32 -5.28 26.73
N THR A 35 12.48 -5.07 27.36
CA THR A 35 13.30 -6.19 27.92
C THR A 35 12.48 -6.90 29.02
N GLU A 36 11.77 -6.15 29.85
CA GLU A 36 10.99 -6.72 31.00
C GLU A 36 9.68 -7.34 30.50
N SER A 37 9.23 -7.00 29.29
CA SER A 37 7.95 -7.49 28.71
C SER A 37 8.07 -8.98 28.40
N ALA A 38 6.95 -9.61 28.04
CA ALA A 38 6.88 -11.03 27.60
C ALA A 38 7.40 -11.20 26.15
N SER A 39 7.78 -10.13 25.46
CA SER A 39 8.31 -10.20 24.07
C SER A 39 9.49 -11.18 23.99
N GLY A 40 9.64 -11.88 22.87
CA GLY A 40 10.79 -12.76 22.63
C GLY A 40 12.04 -11.95 22.34
N SER A 41 11.87 -10.72 21.87
CA SER A 41 13.02 -9.84 21.57
C SER A 41 12.56 -8.38 21.55
N LEU A 42 13.46 -7.51 21.16
CA LEU A 42 13.17 -6.08 20.99
C LEU A 42 14.18 -5.53 20.01
N VAL A 43 13.85 -4.38 19.44
CA VAL A 43 14.73 -3.66 18.51
C VAL A 43 14.69 -2.21 18.95
N SER A 44 15.86 -1.58 19.03
CA SER A 44 15.99 -0.16 19.41
C SER A 44 15.51 0.72 18.26
N LYS A 45 15.03 1.91 18.58
CA LYS A 45 14.64 2.94 17.60
C LYS A 45 15.72 3.09 16.54
N SER A 46 15.32 3.14 15.27
CA SER A 46 16.23 3.42 14.12
C SER A 46 17.04 4.66 14.46
N CYS A 47 18.36 4.53 14.45
CA CYS A 47 19.25 5.57 14.98
C CYS A 47 20.01 6.26 13.84
N THR A 48 20.35 7.51 14.08
CA THR A 48 21.26 8.31 13.23
C THR A 48 22.52 8.51 14.06
N PRO A 49 23.66 8.89 13.44
CA PRO A 49 24.91 9.09 14.17
C PRO A 49 24.73 9.98 15.41
N ALA A 50 23.90 11.03 15.27
CA ALA A 50 23.61 12.02 16.33
C ALA A 50 22.12 12.00 16.68
N LEU A 51 21.81 12.38 17.93
CA LEU A 51 20.44 12.69 18.39
C LEU A 51 19.71 13.50 17.31
N ARG A 52 18.44 13.19 17.10
CA ARG A 52 17.49 13.90 16.20
C ARG A 52 16.19 14.14 16.97
N GLU A 53 15.66 15.37 16.93
CA GLU A 53 14.36 15.70 17.58
C GLU A 53 13.19 15.12 16.76
N GLY A 54 13.40 14.89 15.47
CA GLY A 54 12.35 14.40 14.57
C GLY A 54 11.43 15.51 14.10
N ASN A 55 10.32 15.16 13.49
CA ASN A 55 9.45 16.12 12.77
C ASN A 55 8.59 16.87 13.78
N PRO A 56 8.01 18.02 13.39
CA PRO A 56 7.07 18.72 14.26
C PRO A 56 5.80 17.89 14.53
N THR A 57 5.18 18.12 15.69
CA THR A 57 3.97 17.41 16.18
C THR A 57 2.75 18.22 15.74
N PRO A 58 1.58 17.58 15.59
CA PRO A 58 1.43 16.14 15.78
C PRO A 58 2.05 15.36 14.61
N ARG A 59 2.66 14.21 14.91
CA ARG A 59 3.42 13.43 13.90
C ARG A 59 3.01 11.96 13.95
N TYR A 60 2.09 11.61 14.84
CA TYR A 60 1.48 10.27 14.95
C TYR A 60 -0.02 10.45 15.26
N GLN A 61 -0.86 9.67 14.59
CA GLN A 61 -2.30 9.63 14.89
C GLN A 61 -2.75 8.16 14.83
N ALA A 62 -3.31 7.66 15.94
CA ALA A 62 -4.01 6.37 16.00
C ALA A 62 -5.32 6.53 15.22
N LEU A 63 -5.71 5.50 14.48
CA LEU A 63 -6.92 5.51 13.62
C LEU A 63 -7.69 4.24 13.90
N PRO A 64 -9.01 4.23 13.62
CA PRO A 64 -9.80 3.01 13.70
C PRO A 64 -9.11 1.82 13.02
N LEU A 65 -8.46 2.02 11.87
CA LEU A 65 -7.86 0.90 11.08
C LEU A 65 -6.35 0.89 11.19
N GLY A 66 -5.77 1.68 12.08
CA GLY A 66 -4.32 1.59 12.29
C GLY A 66 -3.74 2.88 12.77
N SER A 67 -2.74 3.37 12.05
CA SER A 67 -2.06 4.62 12.44
C SER A 67 -1.50 5.26 11.19
N ILE A 68 -1.21 6.55 11.32
CA ILE A 68 -0.39 7.29 10.34
C ILE A 68 0.67 8.03 11.15
N ASN A 69 1.89 8.06 10.65
CA ASN A 69 2.96 8.80 11.35
C ASN A 69 3.91 9.39 10.32
N SER A 70 4.50 10.52 10.68
CA SER A 70 5.72 11.02 10.02
C SER A 70 6.66 11.42 11.15
N MET A 71 7.14 10.46 11.93
CA MET A 71 7.96 10.75 13.14
C MET A 71 9.20 11.57 12.74
N GLY A 72 9.87 11.22 11.64
CA GLY A 72 11.09 11.92 11.16
C GLY A 72 12.35 11.47 11.90
N LEU A 73 12.40 10.20 12.30
CA LEU A 73 13.57 9.57 12.99
C LEU A 73 13.97 10.34 14.24
N PRO A 74 13.03 10.65 15.17
CA PRO A 74 13.40 11.16 16.49
C PRO A 74 14.12 10.01 17.20
N ASN A 75 15.35 10.21 17.63
CA ASN A 75 16.15 9.14 18.25
C ASN A 75 17.27 9.77 19.06
N ASN A 76 17.80 9.03 20.02
CA ASN A 76 18.82 9.52 20.99
C ASN A 76 20.20 9.48 20.35
N GLY A 77 20.32 9.00 19.12
CA GLY A 77 21.61 8.91 18.41
C GLY A 77 22.27 7.57 18.65
N PHE A 78 23.14 7.18 17.72
CA PHE A 78 23.82 5.87 17.67
C PHE A 78 24.55 5.56 18.99
N ASP A 79 25.32 6.51 19.52
CA ASP A 79 26.10 6.29 20.78
C ASP A 79 25.17 5.76 21.87
N PHE A 80 23.95 6.29 21.96
CA PHE A 80 22.97 5.94 23.01
C PHE A 80 22.56 4.47 22.87
N TYR A 81 22.19 4.04 21.66
CA TYR A 81 21.70 2.67 21.39
C TYR A 81 22.87 1.69 21.48
N LEU A 82 24.05 2.11 21.04
CA LEU A 82 25.27 1.28 21.15
C LEU A 82 25.59 1.05 22.63
N ALA A 83 25.54 2.11 23.44
CA ALA A 83 25.79 2.05 24.89
C ALA A 83 24.76 1.13 25.55
N TYR A 84 23.49 1.22 25.14
CA TYR A 84 22.44 0.30 25.65
C TYR A 84 22.87 -1.13 25.34
N ALA A 85 23.22 -1.41 24.08
CA ALA A 85 23.60 -2.77 23.60
C ALA A 85 24.88 -3.23 24.30
N ALA A 86 25.83 -2.32 24.51
CA ALA A 86 27.19 -2.66 25.01
C ALA A 86 27.16 -2.87 26.54
N GLU A 87 26.40 -2.05 27.27
CA GLU A 87 26.60 -1.83 28.73
C GLU A 87 25.33 -2.18 29.52
N GLN A 88 24.12 -2.06 28.97
CA GLN A 88 22.89 -2.05 29.80
C GLN A 88 21.99 -3.25 29.51
N HIS A 89 21.83 -3.64 28.24
CA HIS A 89 20.85 -4.69 27.87
C HIS A 89 21.19 -6.01 28.57
N ASP A 90 20.18 -6.63 29.18
CA ASP A 90 20.30 -7.98 29.78
C ASP A 90 20.04 -9.03 28.69
N TYR A 91 21.09 -9.52 28.06
CA TYR A 91 21.02 -10.54 27.00
C TYR A 91 20.57 -11.88 27.61
N GLY A 92 20.63 -12.02 28.94
CA GLY A 92 20.06 -13.16 29.67
C GLY A 92 18.54 -13.16 29.61
N LYS A 93 17.90 -12.01 29.43
CA LYS A 93 16.42 -11.91 29.31
C LYS A 93 16.01 -12.22 27.87
N LYS A 94 16.67 -11.61 26.88
CA LYS A 94 16.31 -11.83 25.45
C LYS A 94 17.35 -11.20 24.55
N PRO A 95 17.45 -11.66 23.29
CA PRO A 95 18.33 -11.04 22.31
C PRO A 95 17.84 -9.63 21.99
N LEU A 96 18.77 -8.82 21.49
CA LEU A 96 18.54 -7.40 21.17
C LEU A 96 18.91 -7.17 19.71
N PHE A 97 18.00 -6.51 18.99
CA PHE A 97 18.25 -5.95 17.64
C PHE A 97 18.46 -4.45 17.80
N LEU A 98 19.40 -3.94 17.02
CA LEU A 98 19.65 -2.48 16.93
C LEU A 98 19.27 -2.06 15.52
N SER A 99 18.32 -1.16 15.39
CA SER A 99 17.88 -0.62 14.09
C SER A 99 18.72 0.60 13.76
N MET A 100 19.25 0.63 12.55
CA MET A 100 20.14 1.69 12.08
C MET A 100 19.52 2.34 10.85
N SER A 101 19.43 3.67 10.83
CA SER A 101 18.90 4.42 9.67
C SER A 101 19.74 5.68 9.45
N GLY A 102 21.02 5.48 9.14
CA GLY A 102 21.88 6.56 8.62
C GLY A 102 21.17 7.31 7.51
N LEU A 103 21.35 8.63 7.44
CA LEU A 103 20.73 9.50 6.40
C LEU A 103 21.60 9.46 5.14
N SER A 104 22.74 8.77 5.17
CA SER A 104 23.60 8.52 3.99
C SER A 104 24.33 7.18 4.17
N MET A 105 24.82 6.62 3.07
CA MET A 105 25.75 5.46 3.08
C MET A 105 26.87 5.71 4.09
N ARG A 106 27.51 6.88 4.04
CA ARG A 106 28.68 7.21 4.90
C ARG A 106 28.27 7.04 6.37
N GLU A 107 27.07 7.50 6.74
CA GLU A 107 26.59 7.44 8.14
C GLU A 107 26.45 5.96 8.53
N ASN A 108 25.82 5.15 7.69
CA ASN A 108 25.65 3.70 7.96
C ASN A 108 27.03 3.06 8.12
N VAL A 109 27.97 3.38 7.23
CA VAL A 109 29.34 2.81 7.27
C VAL A 109 29.98 3.13 8.62
N GLU A 110 29.91 4.38 9.05
CA GLU A 110 30.64 4.83 10.27
C GLU A 110 30.01 4.15 11.49
N MET A 111 28.67 4.08 11.54
CA MET A 111 28.00 3.45 12.70
C MET A 111 28.28 1.93 12.70
N CYS A 112 28.21 1.29 11.54
CA CYS A 112 28.49 -0.16 11.42
C CYS A 112 29.91 -0.47 11.87
N LYS A 113 30.88 0.35 11.51
CA LYS A 113 32.29 0.10 11.92
C LYS A 113 32.38 0.06 13.45
N ARG A 114 31.63 0.92 14.15
CA ARG A 114 31.64 0.96 15.62
C ARG A 114 30.74 -0.14 16.19
N LEU A 115 29.65 -0.50 15.51
CA LEU A 115 28.72 -1.55 16.01
C LEU A 115 29.44 -2.90 16.03
N ALA A 116 30.35 -3.11 15.07
CA ALA A 116 31.07 -4.40 14.84
C ALA A 116 31.51 -5.01 16.17
N ALA A 117 32.23 -4.27 17.01
CA ALA A 117 32.87 -4.82 18.23
C ALA A 117 31.78 -5.19 19.24
N VAL A 118 30.71 -4.40 19.32
CA VAL A 118 29.61 -4.64 20.30
C VAL A 118 28.81 -5.87 19.86
N ALA A 119 28.52 -5.99 18.56
CA ALA A 119 27.92 -7.22 17.97
C ALA A 119 28.79 -8.43 18.34
N THR A 120 30.11 -8.33 18.13
CA THR A 120 31.08 -9.40 18.46
C THR A 120 31.00 -9.76 19.94
N GLU A 121 31.09 -8.76 20.82
CA GLU A 121 31.27 -8.97 22.29
C GLU A 121 29.93 -9.33 22.94
N LYS A 122 28.83 -8.69 22.53
CA LYS A 122 27.54 -8.72 23.26
C LYS A 122 26.45 -9.49 22.49
N GLY A 123 26.52 -9.52 21.16
CA GLY A 123 25.60 -10.32 20.34
C GLY A 123 24.39 -9.52 19.87
N VAL A 124 24.41 -8.20 20.07
CA VAL A 124 23.38 -7.30 19.44
C VAL A 124 23.35 -7.59 17.95
N ILE A 125 22.17 -7.59 17.34
CA ILE A 125 21.98 -7.91 15.91
C ILE A 125 21.49 -6.66 15.18
N LEU A 126 22.14 -6.31 14.08
CA LEU A 126 21.79 -5.12 13.27
C LEU A 126 20.53 -5.42 12.43
N GLU A 127 19.53 -4.54 12.52
CA GLU A 127 18.44 -4.43 11.54
C GLU A 127 18.67 -3.12 10.80
N LEU A 128 19.15 -3.23 9.57
CA LEU A 128 19.47 -2.05 8.74
C LEU A 128 18.18 -1.56 8.08
N ASN A 129 17.77 -0.34 8.40
CA ASN A 129 16.52 0.25 7.88
C ASN A 129 16.76 0.80 6.48
N LEU A 130 16.24 0.11 5.45
CA LEU A 130 16.34 0.55 4.03
C LEU A 130 15.06 1.29 3.63
N SER A 131 14.18 1.59 4.60
CA SER A 131 12.83 2.18 4.39
C SER A 131 12.69 3.43 5.27
N PRO A 139 13.96 8.82 -3.97
CA PRO A 139 13.03 7.95 -3.23
C PRO A 139 13.73 7.17 -2.11
N GLN A 140 13.00 6.76 -1.07
CA GLN A 140 13.53 5.95 0.07
C GLN A 140 14.35 4.78 -0.49
N VAL A 141 15.40 4.38 0.23
CA VAL A 141 16.54 3.62 -0.35
C VAL A 141 16.04 2.36 -1.06
N ALA A 142 15.16 1.58 -0.45
CA ALA A 142 14.73 0.27 -1.01
C ALA A 142 13.83 0.45 -2.24
N TYR A 143 13.35 1.67 -2.52
CA TYR A 143 12.60 1.98 -3.77
C TYR A 143 13.56 2.47 -4.85
N ASP A 144 14.83 2.62 -4.51
CA ASP A 144 15.91 2.88 -5.50
C ASP A 144 16.87 1.68 -5.42
N PHE A 145 16.75 0.74 -6.36
CA PHE A 145 17.49 -0.54 -6.31
C PHE A 145 19.00 -0.27 -6.34
N ASP A 146 19.44 0.81 -6.99
CA ASP A 146 20.87 1.21 -7.00
C ASP A 146 21.30 1.66 -5.61
N ALA A 147 20.50 2.50 -4.95
CA ALA A 147 20.78 2.98 -3.57
C ALA A 147 20.81 1.77 -2.65
N MET A 148 19.88 0.83 -2.85
CA MET A 148 19.78 -0.37 -2.00
C MET A 148 21.05 -1.22 -2.15
N ARG A 149 21.43 -1.51 -3.39
CA ARG A 149 22.66 -2.28 -3.67
C ARG A 149 23.86 -1.57 -3.03
N GLN A 150 23.94 -0.25 -3.20
N GLN A 150 23.92 -0.26 -3.20
CA GLN A 150 25.03 0.61 -2.63
CA GLN A 150 25.04 0.58 -2.73
C GLN A 150 25.13 0.37 -1.13
C GLN A 150 25.15 0.49 -1.20
N CYS A 151 24.06 0.64 -0.38
N CYS A 151 24.04 0.62 -0.46
CA CYS A 151 24.08 0.60 1.09
CA CYS A 151 24.07 0.59 1.03
C CYS A 151 24.38 -0.83 1.56
C CYS A 151 24.43 -0.82 1.50
N LEU A 152 23.87 -1.87 0.87
CA LEU A 152 24.16 -3.27 1.26
C LEU A 152 25.63 -3.58 0.95
N THR A 153 26.17 -3.09 -0.16
CA THR A 153 27.59 -3.28 -0.52
C THR A 153 28.47 -2.63 0.56
N ALA A 154 28.17 -1.37 0.89
CA ALA A 154 28.94 -0.58 1.87
C ALA A 154 28.88 -1.30 3.23
N VAL A 155 27.68 -1.63 3.70
CA VAL A 155 27.53 -2.26 5.04
C VAL A 155 28.22 -3.63 5.02
N SER A 156 28.01 -4.43 3.97
CA SER A 156 28.64 -5.77 3.87
C SER A 156 30.15 -5.63 3.89
N GLU A 157 30.69 -4.56 3.31
CA GLU A 157 32.15 -4.37 3.17
C GLU A 157 32.77 -4.11 4.54
N VAL A 158 32.11 -3.34 5.41
CA VAL A 158 32.71 -2.80 6.66
C VAL A 158 32.18 -3.55 7.89
N TYR A 159 31.06 -4.27 7.77
CA TYR A 159 30.36 -4.87 8.92
C TYR A 159 30.59 -6.38 8.88
N PRO A 160 31.45 -6.92 9.78
CA PRO A 160 31.88 -8.32 9.72
C PRO A 160 30.91 -9.26 10.44
N HIS A 161 29.61 -9.06 10.24
CA HIS A 161 28.55 -9.87 10.88
C HIS A 161 27.38 -10.02 9.93
N SER A 162 26.54 -11.02 10.20
N SER A 162 26.55 -11.03 10.18
CA SER A 162 25.21 -11.14 9.60
CA SER A 162 25.20 -11.17 9.60
C SER A 162 24.37 -9.97 10.10
C SER A 162 24.34 -10.01 10.11
N PHE A 163 23.39 -9.56 9.31
CA PHE A 163 22.45 -8.51 9.71
C PHE A 163 21.17 -8.78 8.96
N GLY A 164 20.16 -7.97 9.26
CA GLY A 164 18.91 -7.98 8.52
C GLY A 164 18.62 -6.64 7.94
N VAL A 165 17.60 -6.59 7.11
CA VAL A 165 17.16 -5.34 6.45
C VAL A 165 15.67 -5.18 6.69
N LYS A 166 15.29 -3.98 7.10
CA LYS A 166 13.89 -3.56 7.21
C LYS A 166 13.49 -2.98 5.85
N MET A 167 12.53 -3.62 5.21
CA MET A 167 12.15 -3.32 3.82
C MET A 167 10.83 -2.55 3.82
N PRO A 168 10.68 -1.61 2.87
CA PRO A 168 9.38 -1.00 2.62
C PRO A 168 8.60 -2.06 1.86
N PRO A 169 7.26 -1.94 1.79
CA PRO A 169 6.47 -2.84 0.98
C PRO A 169 6.67 -2.59 -0.52
N TYR A 170 6.67 -3.67 -1.28
CA TYR A 170 6.54 -3.62 -2.75
C TYR A 170 5.15 -4.12 -3.11
N PHE A 171 4.75 -3.80 -4.33
CA PHE A 171 3.37 -3.95 -4.83
C PHE A 171 3.36 -4.57 -6.23
N ASP A 172 4.52 -5.05 -6.67
CA ASP A 172 4.68 -5.52 -8.07
C ASP A 172 5.68 -6.68 -8.02
N PHE A 173 5.39 -7.80 -8.69
CA PHE A 173 6.28 -8.98 -8.73
C PHE A 173 7.65 -8.59 -9.29
N ALA A 174 7.70 -7.63 -10.21
CA ALA A 174 8.95 -7.15 -10.83
C ALA A 174 9.85 -6.57 -9.73
N HIS A 175 9.23 -5.90 -8.75
CA HIS A 175 9.94 -5.26 -7.62
C HIS A 175 10.33 -6.33 -6.59
N PHE A 176 9.44 -7.28 -6.29
CA PHE A 176 9.79 -8.44 -5.43
C PHE A 176 11.03 -9.11 -6.02
N ASP A 177 11.01 -9.37 -7.32
CA ASP A 177 12.11 -10.10 -8.01
C ASP A 177 13.38 -9.27 -7.95
N ALA A 178 13.29 -7.97 -8.26
CA ALA A 178 14.46 -7.07 -8.31
C ALA A 178 15.06 -6.96 -6.90
N ALA A 179 14.22 -6.76 -5.87
CA ALA A 179 14.67 -6.64 -4.47
C ALA A 179 15.31 -7.97 -4.03
N ALA A 180 14.66 -9.10 -4.30
CA ALA A 180 15.14 -10.43 -3.88
C ALA A 180 16.49 -10.73 -4.54
N GLU A 181 16.63 -10.41 -5.82
CA GLU A 181 17.87 -10.62 -6.60
C GLU A 181 19.01 -9.90 -5.88
N ILE A 182 18.79 -8.64 -5.49
CA ILE A 182 19.80 -7.83 -4.78
C ILE A 182 20.09 -8.46 -3.41
N LEU A 183 19.07 -8.75 -2.62
CA LEU A 183 19.26 -9.29 -1.25
C LEU A 183 20.03 -10.60 -1.32
N ASN A 184 19.70 -11.47 -2.29
CA ASN A 184 20.33 -12.80 -2.47
C ASN A 184 21.81 -12.67 -2.84
N GLU A 185 22.26 -11.50 -3.28
CA GLU A 185 23.68 -11.26 -3.60
C GLU A 185 24.48 -10.93 -2.34
N PHE A 186 23.82 -10.77 -1.18
CA PHE A 186 24.48 -10.41 0.10
C PHE A 186 24.24 -11.50 1.12
N PRO A 187 25.16 -12.48 1.23
CA PRO A 187 24.98 -13.56 2.21
C PRO A 187 24.94 -13.09 3.67
N LYS A 188 25.49 -11.91 3.99
CA LYS A 188 25.43 -11.39 5.38
C LYS A 188 24.00 -10.95 5.72
N VAL A 189 23.16 -10.68 4.71
CA VAL A 189 21.73 -10.37 4.98
C VAL A 189 21.05 -11.71 5.27
N GLN A 190 20.86 -12.01 6.56
N GLN A 190 20.85 -12.02 6.55
CA GLN A 190 20.30 -13.31 7.01
CA GLN A 190 20.29 -13.34 6.99
C GLN A 190 18.82 -13.18 7.37
C GLN A 190 18.87 -13.17 7.55
N PHE A 191 18.32 -11.95 7.52
CA PHE A 191 16.87 -11.73 7.73
C PHE A 191 16.41 -10.49 6.97
N ILE A 192 15.16 -10.56 6.55
CA ILE A 192 14.44 -9.47 5.87
C ILE A 192 13.21 -9.19 6.72
N THR A 193 13.04 -7.97 7.18
CA THR A 193 11.85 -7.56 7.95
C THR A 193 10.91 -6.89 6.96
N CYS A 194 9.78 -7.54 6.72
CA CYS A 194 8.68 -7.08 5.86
C CYS A 194 7.48 -6.85 6.76
N ILE A 195 7.01 -5.61 6.97
CA ILE A 195 7.34 -4.43 6.19
C ILE A 195 7.43 -3.23 7.12
N ASN A 196 8.10 -2.21 6.62
CA ASN A 196 7.92 -0.83 7.11
C ASN A 196 6.52 -0.38 6.69
N SER A 197 6.17 0.84 7.07
CA SER A 197 4.84 1.43 6.81
C SER A 197 4.52 1.37 5.32
N ILE A 198 3.24 1.36 4.98
CA ILE A 198 2.82 1.76 3.62
C ILE A 198 3.02 3.27 3.52
N GLY A 199 3.99 3.68 2.72
CA GLY A 199 4.49 5.06 2.66
C GLY A 199 3.45 6.07 2.24
N ASN A 200 3.47 7.24 2.86
CA ASN A 200 2.85 8.47 2.29
C ASN A 200 1.37 8.21 1.95
N GLY A 201 0.65 7.59 2.88
CA GLY A 201 -0.81 7.69 2.97
C GLY A 201 -1.19 9.10 3.38
N LEU A 202 -2.43 9.47 3.18
CA LEU A 202 -2.97 10.79 3.60
C LEU A 202 -4.30 10.56 4.29
N VAL A 203 -4.29 10.71 5.61
CA VAL A 203 -5.53 10.59 6.41
C VAL A 203 -6.15 11.99 6.46
N ILE A 204 -7.42 12.07 6.10
CA ILE A 204 -8.19 13.34 6.19
C ILE A 204 -9.32 13.12 7.19
N ASP A 205 -9.43 14.03 8.14
CA ASP A 205 -10.49 14.02 9.16
C ASP A 205 -11.67 14.77 8.55
N ALA A 206 -12.76 14.06 8.27
CA ALA A 206 -13.97 14.63 7.63
C ALA A 206 -14.52 15.76 8.51
N GLU A 207 -14.38 15.63 9.83
CA GLU A 207 -14.95 16.62 10.79
C GLU A 207 -14.16 17.93 10.69
N THR A 208 -12.83 17.87 10.68
CA THR A 208 -11.95 19.08 10.67
C THR A 208 -11.64 19.50 9.24
N GLU A 209 -11.95 18.67 8.24
CA GLU A 209 -11.59 18.91 6.82
C GLU A 209 -10.10 19.19 6.74
N SER A 210 -9.33 18.45 7.51
CA SER A 210 -7.88 18.66 7.63
C SER A 210 -7.19 17.31 7.64
N VAL A 211 -5.90 17.35 7.31
CA VAL A 211 -4.97 16.23 7.59
C VAL A 211 -4.83 16.12 9.10
N VAL A 212 -4.16 15.09 9.58
CA VAL A 212 -4.15 14.78 11.04
C VAL A 212 -2.72 14.77 11.55
N ILE A 213 -1.72 14.87 10.68
CA ILE A 213 -0.32 15.06 11.12
C ILE A 213 0.25 16.30 10.40
N LYS A 214 1.21 16.93 11.05
CA LYS A 214 1.75 18.25 10.61
C LYS A 214 2.79 18.10 9.51
N PRO A 215 3.78 17.19 9.62
CA PRO A 215 4.85 17.13 8.63
C PRO A 215 4.31 16.74 7.24
N LYS A 216 5.00 17.19 6.20
N LYS A 216 5.01 17.18 6.20
CA LYS A 216 4.82 16.77 4.79
CA LYS A 216 4.81 16.76 4.78
C LYS A 216 3.33 16.88 4.39
C LYS A 216 3.33 16.88 4.39
N GLN A 217 2.67 17.97 4.79
CA GLN A 217 1.27 18.28 4.41
C GLN A 217 0.33 17.11 4.77
N GLY A 218 0.64 16.34 5.80
CA GLY A 218 -0.27 15.31 6.33
C GLY A 218 0.04 13.93 5.79
N PHE A 219 1.00 13.80 4.87
CA PHE A 219 1.41 12.50 4.29
C PHE A 219 2.29 11.78 5.32
N GLY A 220 2.01 10.50 5.54
CA GLY A 220 2.75 9.71 6.54
C GLY A 220 2.58 8.23 6.31
N GLY A 221 3.42 7.45 6.96
CA GLY A 221 3.40 5.98 6.85
C GLY A 221 2.16 5.43 7.51
N LEU A 222 1.49 4.49 6.84
CA LEU A 222 0.33 3.77 7.40
C LEU A 222 0.83 2.51 8.10
N GLY A 223 0.29 2.24 9.27
CA GLY A 223 0.48 0.98 10.02
C GLY A 223 -0.86 0.43 10.43
N GLY A 224 -0.85 -0.77 10.98
CA GLY A 224 -2.05 -1.36 11.61
C GLY A 224 -2.86 -2.14 10.61
N ARG A 225 -4.19 -2.16 10.80
N ARG A 225 -4.19 -2.14 10.75
CA ARG A 225 -5.13 -2.98 10.02
CA ARG A 225 -5.08 -3.05 9.98
C ARG A 225 -4.89 -2.72 8.52
C ARG A 225 -5.09 -2.68 8.50
N TYR A 226 -4.70 -1.46 8.14
CA TYR A 226 -4.49 -1.05 6.73
C TYR A 226 -3.48 -1.95 6.02
N VAL A 227 -2.45 -2.42 6.72
CA VAL A 227 -1.21 -2.90 6.04
C VAL A 227 -1.12 -4.43 6.10
N LEU A 228 -2.06 -5.12 6.75
CA LEU A 228 -1.82 -6.56 7.00
C LEU A 228 -1.69 -7.34 5.69
N PRO A 229 -2.61 -7.26 4.71
CA PRO A 229 -2.46 -8.03 3.47
C PRO A 229 -1.19 -7.66 2.68
N THR A 230 -0.76 -6.39 2.72
CA THR A 230 0.49 -5.94 2.11
C THR A 230 1.68 -6.59 2.85
N ALA A 231 1.64 -6.59 4.18
CA ALA A 231 2.70 -7.20 5.00
C ALA A 231 2.78 -8.69 4.65
N LEU A 232 1.66 -9.40 4.69
CA LEU A 232 1.64 -10.86 4.37
C LEU A 232 2.19 -11.10 2.97
N ALA A 233 1.82 -10.26 2.00
CA ALA A 233 2.32 -10.38 0.60
C ALA A 233 3.83 -10.27 0.60
N ASN A 234 4.38 -9.29 1.30
CA ASN A 234 5.85 -9.01 1.27
C ASN A 234 6.56 -10.14 2.01
N ILE A 235 6.02 -10.53 3.16
CA ILE A 235 6.58 -11.66 3.95
C ILE A 235 6.67 -12.87 3.03
N ASN A 236 5.55 -13.24 2.41
CA ASN A 236 5.48 -14.46 1.59
C ASN A 236 6.36 -14.31 0.35
N ALA A 237 6.35 -13.15 -0.30
CA ALA A 237 7.09 -12.91 -1.55
C ALA A 237 8.58 -13.14 -1.29
N PHE A 238 9.11 -12.61 -0.19
CA PHE A 238 10.54 -12.71 0.15
C PHE A 238 10.83 -14.07 0.77
N TYR A 239 9.88 -14.61 1.53
CA TYR A 239 10.00 -16.01 2.02
C TYR A 239 10.28 -16.95 0.84
N ARG A 240 9.50 -16.80 -0.24
CA ARG A 240 9.65 -17.65 -1.44
C ARG A 240 10.96 -17.33 -2.18
N ARG A 241 11.27 -16.05 -2.36
CA ARG A 241 12.35 -15.62 -3.29
C ARG A 241 13.70 -15.59 -2.59
N CYS A 242 13.73 -15.56 -1.25
CA CYS A 242 15.00 -15.55 -0.47
C CYS A 242 15.03 -16.76 0.45
N PRO A 243 15.08 -17.99 -0.13
CA PRO A 243 14.99 -19.21 0.67
C PRO A 243 16.17 -19.38 1.63
N GLY A 244 17.30 -18.69 1.36
CA GLY A 244 18.49 -18.74 2.22
C GLY A 244 18.38 -17.82 3.42
N LYS A 245 17.29 -17.05 3.53
CA LYS A 245 17.17 -15.98 4.54
C LYS A 245 15.92 -16.21 5.38
N LEU A 246 15.93 -15.67 6.59
CA LEU A 246 14.75 -15.61 7.49
C LEU A 246 13.92 -14.39 7.10
N ILE A 247 12.62 -14.47 7.28
CA ILE A 247 11.72 -13.30 7.12
C ILE A 247 11.22 -12.95 8.52
N PHE A 248 11.33 -11.69 8.90
CA PHE A 248 10.62 -11.14 10.09
C PHE A 248 9.38 -10.42 9.57
N GLY A 249 8.23 -10.78 10.12
CA GLY A 249 6.95 -10.15 9.79
C GLY A 249 6.80 -8.86 10.56
N CYS A 250 6.28 -7.84 9.91
CA CYS A 250 5.90 -6.58 10.57
C CYS A 250 4.75 -5.96 9.79
N GLY A 251 3.65 -5.65 10.46
CA GLY A 251 2.51 -5.01 9.77
C GLY A 251 1.19 -5.62 10.17
N GLY A 252 0.38 -4.85 10.89
CA GLY A 252 -1.03 -5.19 11.12
C GLY A 252 -1.24 -6.25 12.17
N VAL A 253 -0.27 -6.51 13.05
CA VAL A 253 -0.46 -7.52 14.13
C VAL A 253 -1.11 -6.85 15.34
N TYR A 254 -2.34 -7.27 15.63
CA TYR A 254 -3.08 -6.86 16.85
C TYR A 254 -3.38 -8.08 17.70
N THR A 255 -3.41 -9.27 17.10
CA THR A 255 -3.93 -10.49 17.76
C THR A 255 -2.99 -11.64 17.50
N GLY A 256 -3.11 -12.68 18.31
CA GLY A 256 -2.43 -13.95 18.03
C GLY A 256 -2.79 -14.46 16.64
N GLU A 257 -4.03 -14.27 16.19
CA GLU A 257 -4.49 -14.76 14.87
C GLU A 257 -3.68 -14.05 13.78
N ASP A 258 -3.48 -12.74 13.91
CA ASP A 258 -2.69 -11.94 12.95
C ASP A 258 -1.26 -12.48 12.92
N ALA A 259 -0.69 -12.77 14.09
CA ALA A 259 0.67 -13.32 14.21
C ALA A 259 0.71 -14.68 13.51
N PHE A 260 -0.32 -15.48 13.72
CA PHE A 260 -0.47 -16.81 13.06
C PHE A 260 -0.38 -16.62 11.54
N LEU A 261 -1.06 -15.62 10.99
CA LEU A 261 -1.05 -15.31 9.54
C LEU A 261 0.37 -14.93 9.11
N HIS A 262 1.08 -14.10 9.87
CA HIS A 262 2.48 -13.74 9.56
C HIS A 262 3.33 -15.00 9.46
N VAL A 263 3.18 -15.90 10.44
CA VAL A 263 4.04 -17.11 10.48
C VAL A 263 3.67 -18.01 9.30
N LEU A 264 2.37 -18.20 9.07
N LEU A 264 2.37 -18.17 9.03
CA LEU A 264 1.81 -18.93 7.90
CA LEU A 264 1.90 -19.00 7.89
C LEU A 264 2.50 -18.42 6.62
C LEU A 264 2.41 -18.42 6.56
N ALA A 265 2.60 -17.10 6.48
CA ALA A 265 3.15 -16.42 5.29
C ALA A 265 4.66 -16.67 5.19
N GLY A 266 5.32 -17.02 6.29
CA GLY A 266 6.77 -17.33 6.31
C GLY A 266 7.54 -16.62 7.40
N ALA A 267 6.89 -15.84 8.26
CA ALA A 267 7.58 -15.05 9.31
C ALA A 267 8.20 -15.97 10.37
N SER A 268 9.45 -15.68 10.73
CA SER A 268 10.19 -16.29 11.87
C SER A 268 9.92 -15.49 13.13
N MET A 269 10.16 -14.18 13.09
CA MET A 269 9.81 -13.24 14.18
C MET A 269 8.63 -12.40 13.71
N VAL A 270 7.86 -11.90 14.65
CA VAL A 270 6.65 -11.09 14.37
C VAL A 270 6.80 -9.80 15.16
N GLN A 271 6.92 -8.69 14.44
CA GLN A 271 7.06 -7.37 15.05
C GLN A 271 5.70 -6.69 15.14
N VAL A 272 5.54 -5.91 16.19
CA VAL A 272 4.27 -5.24 16.57
C VAL A 272 4.57 -3.76 16.73
N GLY A 273 3.95 -2.94 15.87
CA GLY A 273 4.09 -1.48 15.88
C GLY A 273 2.86 -0.82 16.46
N THR A 274 1.92 -0.47 15.60
CA THR A 274 0.72 0.32 15.95
C THR A 274 0.03 -0.28 17.19
N ALA A 275 -0.19 -1.59 17.22
CA ALA A 275 -0.94 -2.24 18.34
C ALA A 275 -0.19 -2.01 19.65
N LEU A 276 1.13 -2.14 19.62
CA LEU A 276 2.03 -1.92 20.78
C LEU A 276 1.96 -0.45 21.17
N GLN A 277 2.00 0.47 20.20
CA GLN A 277 1.92 1.92 20.46
C GLN A 277 0.65 2.19 21.28
N GLU A 278 -0.45 1.52 20.93
CA GLU A 278 -1.78 1.80 21.54
C GLU A 278 -1.89 1.10 22.89
N GLU A 279 -1.30 -0.09 23.03
CA GLU A 279 -1.59 -0.98 24.18
C GLU A 279 -0.46 -0.96 25.21
N GLY A 280 0.76 -0.68 24.78
CA GLY A 280 1.93 -0.78 25.66
C GLY A 280 2.43 -2.21 25.73
N PRO A 281 3.61 -2.43 26.36
CA PRO A 281 4.32 -3.69 26.28
C PRO A 281 3.58 -4.87 26.91
N SER A 282 2.53 -4.62 27.69
CA SER A 282 1.62 -5.67 28.24
C SER A 282 1.04 -6.48 27.09
N ILE A 283 0.98 -5.90 25.88
CA ILE A 283 0.42 -6.57 24.67
C ILE A 283 1.11 -7.92 24.45
N PHE A 284 2.39 -8.06 24.78
CA PHE A 284 3.15 -9.28 24.46
C PHE A 284 2.62 -10.47 25.27
N GLU A 285 2.15 -10.26 26.51
CA GLU A 285 1.51 -11.34 27.32
C GLU A 285 0.24 -11.78 26.61
N ARG A 286 -0.55 -10.81 26.13
CA ARG A 286 -1.81 -11.09 25.40
C ARG A 286 -1.46 -11.82 24.08
N LEU A 287 -0.46 -11.35 23.34
CA LEU A 287 -0.17 -11.93 22.00
C LEU A 287 0.36 -13.36 22.15
N THR A 288 1.23 -13.63 23.11
CA THR A 288 1.76 -15.00 23.34
C THR A 288 0.58 -15.91 23.69
N SER A 289 -0.28 -15.46 24.61
CA SER A 289 -1.46 -16.21 25.07
C SER A 289 -2.38 -16.49 23.86
N GLU A 290 -2.65 -15.47 23.05
CA GLU A 290 -3.58 -15.59 21.91
C GLU A 290 -2.97 -16.51 20.85
N LEU A 291 -1.67 -16.39 20.56
CA LEU A 291 -1.03 -17.21 19.50
C LEU A 291 -1.05 -18.68 19.95
N LEU A 292 -0.76 -18.94 21.23
CA LEU A 292 -0.84 -20.30 21.82
C LEU A 292 -2.28 -20.84 21.71
N GLY A 293 -3.28 -20.00 22.00
CA GLY A 293 -4.71 -20.37 21.88
C GLY A 293 -5.10 -20.69 20.45
N VAL A 294 -4.62 -19.91 19.48
CA VAL A 294 -4.84 -20.18 18.04
C VAL A 294 -4.22 -21.54 17.70
N MET A 295 -2.99 -21.76 18.13
CA MET A 295 -2.23 -23.00 17.83
C MET A 295 -2.94 -24.19 18.50
N ALA A 296 -3.41 -24.01 19.73
CA ALA A 296 -4.12 -25.06 20.51
C ALA A 296 -5.39 -25.47 19.75
N LYS A 297 -6.20 -24.51 19.31
CA LYS A 297 -7.46 -24.75 18.55
C LYS A 297 -7.14 -25.42 17.21
N LYS A 298 -5.95 -25.19 16.64
CA LYS A 298 -5.56 -25.75 15.32
C LYS A 298 -4.70 -27.00 15.50
N ARG A 299 -4.37 -27.36 16.74
CA ARG A 299 -3.54 -28.54 17.09
C ARG A 299 -2.15 -28.39 16.45
N TYR A 300 -1.55 -27.21 16.58
CA TYR A 300 -0.12 -26.96 16.31
C TYR A 300 0.62 -26.88 17.64
N GLN A 301 1.78 -27.52 17.72
CA GLN A 301 2.63 -27.55 18.93
C GLN A 301 3.72 -26.48 18.80
N THR A 302 4.27 -26.33 17.59
CA THR A 302 5.42 -25.43 17.31
C THR A 302 5.13 -24.58 16.08
N LEU A 303 5.84 -23.46 15.97
CA LEU A 303 5.74 -22.52 14.83
C LEU A 303 6.26 -23.22 13.57
N ASP A 304 7.29 -24.06 13.71
CA ASP A 304 7.89 -24.84 12.59
C ASP A 304 6.83 -25.62 11.79
N GLU A 305 5.74 -26.04 12.44
N GLU A 305 5.74 -26.02 12.44
CA GLU A 305 4.73 -26.93 11.84
CA GLU A 305 4.70 -26.93 11.86
C GLU A 305 3.95 -26.19 10.74
C GLU A 305 3.74 -26.19 10.93
N PHE A 306 3.84 -24.86 10.83
CA PHE A 306 3.02 -24.10 9.84
C PHE A 306 3.74 -22.87 9.26
N ARG A 307 4.94 -22.54 9.72
N ARG A 307 4.95 -22.54 9.69
CA ARG A 307 5.68 -21.39 9.15
CA ARG A 307 5.69 -21.37 9.17
C ARG A 307 5.79 -21.58 7.63
C ARG A 307 5.88 -21.53 7.66
N GLY A 308 5.32 -20.60 6.86
CA GLY A 308 5.49 -20.60 5.40
C GLY A 308 4.60 -21.61 4.71
N LYS A 309 3.67 -22.26 5.42
CA LYS A 309 2.85 -23.38 4.87
C LYS A 309 1.48 -22.86 4.41
N VAL A 310 1.33 -21.56 4.20
CA VAL A 310 0.08 -21.00 3.63
C VAL A 310 -0.25 -21.80 2.36
N ARG A 311 -1.50 -22.23 2.24
CA ARG A 311 -1.95 -23.06 1.10
C ARG A 311 -2.42 -22.14 -0.01
N THR A 312 -1.93 -22.38 -1.22
CA THR A 312 -2.41 -21.71 -2.44
C THR A 312 -3.47 -22.58 -3.09
N LEU A 313 -4.27 -22.02 -3.97
CA LEU A 313 -5.42 -22.70 -4.62
C LEU A 313 -5.00 -23.09 -6.05
N SER B 1 -29.88 25.83 -1.45
CA SER B 1 -29.98 24.79 -2.51
C SER B 1 -28.57 24.33 -2.92
N MET B 2 -28.44 23.05 -3.24
CA MET B 2 -27.15 22.33 -3.34
C MET B 2 -27.07 21.61 -4.69
N SER B 3 -25.87 21.34 -5.15
CA SER B 3 -25.65 20.65 -6.43
C SER B 3 -24.43 19.75 -6.30
N LEU B 4 -24.54 18.52 -6.77
CA LEU B 4 -23.39 17.60 -6.95
C LEU B 4 -22.85 17.75 -8.37
N GLN B 5 -23.33 18.75 -9.12
CA GLN B 5 -22.98 18.89 -10.55
C GLN B 5 -21.46 19.02 -10.66
N VAL B 6 -20.89 18.35 -11.66
CA VAL B 6 -19.46 18.47 -12.02
C VAL B 6 -19.42 18.84 -13.50
N ASN B 7 -18.57 19.80 -13.86
CA ASN B 7 -18.38 20.21 -15.28
C ASN B 7 -16.93 19.95 -15.63
N LEU B 8 -16.68 19.11 -16.62
CA LEU B 8 -15.31 18.84 -17.12
C LEU B 8 -15.40 18.27 -18.53
N LEU B 9 -14.35 18.52 -19.33
CA LEU B 9 -14.20 18.06 -20.72
C LEU B 9 -15.50 18.27 -21.50
N ASN B 10 -16.06 19.47 -21.41
CA ASN B 10 -17.23 19.90 -22.23
C ASN B 10 -18.44 19.04 -21.87
N ASN B 11 -18.47 18.47 -20.66
CA ASN B 11 -19.61 17.65 -20.21
C ASN B 11 -20.12 18.18 -18.89
N THR B 12 -21.42 17.99 -18.65
CA THR B 12 -22.08 18.19 -17.35
C THR B 12 -22.39 16.82 -16.76
N PHE B 13 -22.01 16.63 -15.51
CA PHE B 13 -22.29 15.39 -14.76
C PHE B 13 -23.23 15.78 -13.62
N ALA B 14 -24.31 15.02 -13.46
CA ALA B 14 -25.32 15.27 -12.43
C ALA B 14 -24.67 15.19 -11.05
N ASN B 15 -23.67 14.33 -10.92
CA ASN B 15 -22.98 14.07 -9.62
C ASN B 15 -21.63 13.46 -9.96
N PRO B 16 -20.67 13.45 -9.01
CA PRO B 16 -19.32 12.99 -9.32
C PRO B 16 -19.18 11.47 -9.39
N PHE B 17 -20.21 10.73 -9.02
CA PHE B 17 -20.10 9.27 -8.82
C PHE B 17 -20.12 8.52 -10.15
N MET B 18 -19.29 7.50 -10.18
CA MET B 18 -19.27 6.52 -11.29
C MET B 18 -18.70 5.22 -10.76
N ASN B 19 -18.84 4.16 -11.53
CA ASN B 19 -18.19 2.88 -11.19
C ASN B 19 -16.67 3.07 -11.39
N ALA B 20 -15.90 2.31 -10.65
CA ALA B 20 -14.47 2.08 -10.91
C ALA B 20 -14.39 1.13 -12.11
N ALA B 21 -13.46 1.36 -13.04
CA ALA B 21 -13.30 0.49 -14.21
C ALA B 21 -13.17 -0.96 -13.71
N GLY B 22 -13.83 -1.88 -14.39
CA GLY B 22 -13.80 -3.32 -14.05
C GLY B 22 -14.90 -3.75 -13.12
N VAL B 23 -15.54 -2.84 -12.39
CA VAL B 23 -16.66 -3.20 -11.48
C VAL B 23 -17.99 -2.87 -12.17
N MET B 24 -18.81 -3.92 -12.31
N MET B 24 -18.86 -3.87 -12.35
CA MET B 24 -20.17 -3.93 -12.92
CA MET B 24 -20.24 -3.63 -12.83
C MET B 24 -20.21 -3.05 -14.17
C MET B 24 -20.24 -2.99 -14.23
N CYS B 25 -19.34 -3.37 -15.13
CA CYS B 25 -19.21 -2.65 -16.42
C CYS B 25 -18.61 -3.50 -17.53
N THR B 26 -18.74 -4.82 -17.46
CA THR B 26 -18.14 -5.74 -18.45
C THR B 26 -19.17 -6.07 -19.53
N THR B 27 -20.41 -6.35 -19.12
CA THR B 27 -21.49 -6.85 -20.00
C THR B 27 -22.41 -5.71 -20.41
N THR B 28 -23.19 -5.93 -21.47
CA THR B 28 -24.25 -4.99 -21.89
C THR B 28 -25.16 -4.71 -20.69
N GLU B 29 -25.62 -5.75 -20.01
CA GLU B 29 -26.59 -5.61 -18.89
C GLU B 29 -26.00 -4.68 -17.83
N GLU B 30 -24.72 -4.87 -17.50
CA GLU B 30 -24.01 -4.07 -16.47
C GLU B 30 -23.92 -2.61 -16.95
N LEU B 31 -23.55 -2.40 -18.21
CA LEU B 31 -23.36 -1.04 -18.75
C LEU B 31 -24.72 -0.35 -18.78
N VAL B 32 -25.79 -1.06 -19.13
CA VAL B 32 -27.17 -0.52 -19.10
C VAL B 32 -27.55 -0.19 -17.66
N ALA B 33 -27.32 -1.10 -16.71
CA ALA B 33 -27.64 -0.90 -15.28
C ALA B 33 -26.87 0.33 -14.76
N MET B 34 -25.61 0.49 -15.15
CA MET B 34 -24.82 1.67 -14.72
C MET B 34 -25.44 2.94 -15.32
N THR B 35 -25.85 2.91 -16.59
CA THR B 35 -26.49 4.04 -17.29
C THR B 35 -27.83 4.39 -16.61
N GLU B 36 -28.61 3.38 -16.22
CA GLU B 36 -29.94 3.56 -15.58
C GLU B 36 -29.77 3.93 -14.10
N SER B 37 -28.60 3.68 -13.51
CA SER B 37 -28.30 4.03 -12.10
C SER B 37 -28.33 5.55 -11.91
N ALA B 38 -28.27 5.98 -10.66
CA ALA B 38 -28.20 7.42 -10.26
C ALA B 38 -26.76 7.94 -10.39
N SER B 39 -25.81 7.14 -10.87
CA SER B 39 -24.40 7.56 -11.07
C SER B 39 -24.34 8.77 -12.00
N GLY B 40 -23.40 9.69 -11.75
CA GLY B 40 -23.12 10.79 -12.68
C GLY B 40 -22.51 10.29 -13.98
N SER B 41 -21.82 9.16 -13.94
CA SER B 41 -21.17 8.60 -15.15
C SER B 41 -20.90 7.12 -14.96
N LEU B 42 -20.18 6.56 -15.93
CA LEU B 42 -19.78 5.15 -15.89
C LEU B 42 -18.56 5.00 -16.78
N VAL B 43 -17.80 3.95 -16.53
CA VAL B 43 -16.62 3.59 -17.34
C VAL B 43 -16.76 2.10 -17.66
N SER B 44 -16.49 1.74 -18.91
CA SER B 44 -16.56 0.33 -19.35
C SER B 44 -15.32 -0.41 -18.82
N LYS B 45 -15.45 -1.71 -18.63
CA LYS B 45 -14.34 -2.61 -18.25
C LYS B 45 -13.12 -2.32 -19.12
N SER B 46 -11.95 -2.19 -18.51
CA SER B 46 -10.65 -2.03 -19.22
C SER B 46 -10.59 -3.11 -20.32
N CYS B 47 -10.43 -2.69 -21.57
CA CYS B 47 -10.55 -3.63 -22.72
C CYS B 47 -9.18 -3.90 -23.32
N THR B 48 -9.04 -5.09 -23.88
CA THR B 48 -7.91 -5.52 -24.73
C THR B 48 -8.45 -5.58 -26.16
N PRO B 49 -7.57 -5.65 -27.17
CA PRO B 49 -8.02 -5.67 -28.57
C PRO B 49 -9.05 -6.78 -28.82
N ALA B 50 -8.81 -7.95 -28.22
CA ALA B 50 -9.65 -9.17 -28.35
C ALA B 50 -10.21 -9.53 -26.98
N LEU B 51 -11.35 -10.20 -26.93
CA LEU B 51 -11.97 -10.66 -25.66
C LEU B 51 -10.92 -11.47 -24.87
N ARG B 52 -11.03 -11.43 -23.54
CA ARG B 52 -10.18 -12.21 -22.61
C ARG B 52 -11.10 -12.86 -21.56
N GLU B 53 -10.86 -14.14 -21.30
CA GLU B 53 -11.57 -14.98 -20.29
C GLU B 53 -11.19 -14.50 -18.87
N GLY B 54 -9.97 -13.99 -18.73
CA GLY B 54 -9.41 -13.57 -17.43
C GLY B 54 -8.85 -14.76 -16.67
N ASN B 55 -8.58 -14.57 -15.38
CA ASN B 55 -7.82 -15.56 -14.56
C ASN B 55 -8.80 -16.63 -14.08
N PRO B 56 -8.29 -17.80 -13.64
CA PRO B 56 -9.14 -18.82 -13.04
C PRO B 56 -9.75 -18.32 -11.71
N THR B 57 -10.94 -18.80 -11.39
CA THR B 57 -11.71 -18.44 -10.18
C THR B 57 -11.32 -19.39 -9.05
N PRO B 58 -11.46 -19.00 -7.77
CA PRO B 58 -11.91 -17.65 -7.39
C PRO B 58 -10.82 -16.60 -7.66
N ARG B 59 -11.24 -15.43 -8.13
CA ARG B 59 -10.31 -14.35 -8.54
C ARG B 59 -10.75 -13.02 -7.90
N TYR B 60 -11.81 -13.05 -7.11
CA TYR B 60 -12.30 -11.90 -6.31
C TYR B 60 -12.78 -12.43 -4.96
N GLN B 61 -12.43 -11.73 -3.89
CA GLN B 61 -12.96 -12.03 -2.56
C GLN B 61 -13.29 -10.71 -1.87
N ALA B 62 -14.55 -10.56 -1.46
CA ALA B 62 -14.98 -9.47 -0.57
C ALA B 62 -14.40 -9.77 0.81
N LEU B 63 -13.96 -8.73 1.51
CA LEU B 63 -13.34 -8.83 2.84
C LEU B 63 -14.01 -7.81 3.76
N PRO B 64 -13.95 -8.03 5.08
CA PRO B 64 -14.41 -7.03 6.04
C PRO B 64 -13.89 -5.62 5.72
N LEU B 65 -12.61 -5.50 5.32
CA LEU B 65 -11.97 -4.17 5.10
C LEU B 65 -11.80 -3.88 3.61
N GLY B 66 -12.45 -4.65 2.74
CA GLY B 66 -12.47 -4.29 1.31
C GLY B 66 -12.58 -5.49 0.42
N SER B 67 -11.60 -5.67 -0.45
CA SER B 67 -11.60 -6.74 -1.47
C SER B 67 -10.16 -7.05 -1.89
N ILE B 68 -9.98 -8.24 -2.41
CA ILE B 68 -8.74 -8.63 -3.11
C ILE B 68 -9.18 -9.27 -4.42
N ASN B 69 -8.48 -8.97 -5.51
CA ASN B 69 -8.85 -9.60 -6.79
C ASN B 69 -7.59 -9.82 -7.61
N SER B 70 -7.62 -10.84 -8.44
CA SER B 70 -6.73 -10.98 -9.60
C SER B 70 -7.59 -11.37 -10.80
N MET B 71 -8.43 -10.46 -11.26
CA MET B 71 -9.44 -10.74 -12.32
C MET B 71 -8.70 -11.18 -13.60
N GLY B 72 -7.59 -10.52 -13.95
CA GLY B 72 -6.79 -10.84 -15.15
C GLY B 72 -7.40 -10.26 -16.42
N LEU B 73 -8.09 -9.13 -16.31
CA LEU B 73 -8.69 -8.38 -17.45
C LEU B 73 -9.68 -9.25 -18.23
N PRO B 74 -10.65 -9.91 -17.57
CA PRO B 74 -11.72 -10.58 -18.32
C PRO B 74 -12.55 -9.44 -18.93
N ASN B 75 -12.73 -9.46 -20.24
CA ASN B 75 -13.41 -8.34 -20.94
C ASN B 75 -13.85 -8.85 -22.31
N ASN B 76 -14.86 -8.18 -22.86
CA ASN B 76 -15.50 -8.61 -24.13
C ASN B 76 -14.69 -8.16 -25.33
N GLY B 77 -13.58 -7.42 -25.11
CA GLY B 77 -12.73 -6.94 -26.19
C GLY B 77 -13.16 -5.56 -26.66
N PHE B 78 -12.21 -4.83 -27.23
CA PHE B 78 -12.36 -3.42 -27.65
C PHE B 78 -13.60 -3.24 -28.54
N ASP B 79 -13.77 -4.08 -29.56
CA ASP B 79 -14.90 -3.95 -30.52
C ASP B 79 -16.21 -3.82 -29.75
N PHE B 80 -16.41 -4.64 -28.72
CA PHE B 80 -17.65 -4.69 -27.93
C PHE B 80 -17.89 -3.34 -27.20
N TYR B 81 -16.86 -2.80 -26.54
CA TYR B 81 -16.98 -1.52 -25.79
C TYR B 81 -17.08 -0.36 -26.77
N LEU B 82 -16.36 -0.43 -27.89
CA LEU B 82 -16.44 0.60 -28.95
C LEU B 82 -17.88 0.63 -29.48
N ALA B 83 -18.45 -0.54 -29.78
CA ALA B 83 -19.83 -0.68 -30.29
C ALA B 83 -20.80 -0.13 -29.25
N TYR B 84 -20.56 -0.41 -27.97
CA TYR B 84 -21.44 0.11 -26.89
C TYR B 84 -21.41 1.65 -26.97
N ALA B 85 -20.22 2.23 -27.00
CA ALA B 85 -20.00 3.70 -27.03
C ALA B 85 -20.57 4.29 -28.32
N ALA B 86 -20.38 3.61 -29.46
CA ALA B 86 -20.78 4.12 -30.79
C ALA B 86 -22.30 4.08 -30.97
N GLU B 87 -22.97 3.01 -30.52
CA GLU B 87 -24.35 2.71 -31.03
C GLU B 87 -25.36 2.44 -29.92
N GLN B 88 -24.96 2.14 -28.68
CA GLN B 88 -25.95 1.72 -27.65
C GLN B 88 -26.05 2.75 -26.53
N HIS B 89 -24.92 3.33 -26.11
CA HIS B 89 -24.91 4.16 -24.88
C HIS B 89 -25.82 5.36 -25.08
N ASP B 90 -26.69 5.63 -24.12
CA ASP B 90 -27.58 6.81 -24.12
C ASP B 90 -26.84 7.99 -23.48
N TYR B 91 -26.20 8.83 -24.30
CA TYR B 91 -25.42 10.01 -23.86
C TYR B 91 -26.36 11.06 -23.26
N GLY B 92 -27.65 11.01 -23.62
CA GLY B 92 -28.70 11.84 -22.99
C GLY B 92 -28.82 11.55 -21.50
N LYS B 93 -28.47 10.35 -21.05
CA LYS B 93 -28.59 9.94 -19.63
C LYS B 93 -27.34 10.39 -18.87
N LYS B 94 -26.15 10.13 -19.42
CA LYS B 94 -24.88 10.55 -18.76
C LYS B 94 -23.71 10.32 -19.70
N PRO B 95 -22.57 11.02 -19.48
CA PRO B 95 -21.37 10.77 -20.25
C PRO B 95 -20.82 9.38 -19.96
N LEU B 96 -20.07 8.86 -20.92
CA LEU B 96 -19.48 7.50 -20.89
C LEU B 96 -17.96 7.64 -20.96
N PHE B 97 -17.26 6.91 -20.10
CA PHE B 97 -15.81 6.69 -20.22
C PHE B 97 -15.61 5.27 -20.71
N LEU B 98 -14.60 5.09 -21.56
CA LEU B 98 -14.16 3.78 -22.01
C LEU B 98 -12.76 3.55 -21.45
N SER B 99 -12.59 2.51 -20.64
CA SER B 99 -11.28 2.14 -20.09
C SER B 99 -10.58 1.21 -21.08
N MET B 100 -9.32 1.52 -21.36
CA MET B 100 -8.49 0.77 -22.31
C MET B 100 -7.26 0.27 -21.59
N SER B 101 -6.95 -1.01 -21.75
CA SER B 101 -5.78 -1.66 -21.13
C SER B 101 -5.13 -2.60 -22.15
N GLY B 102 -4.61 -2.04 -23.24
CA GLY B 102 -3.73 -2.77 -24.17
C GLY B 102 -2.59 -3.40 -23.40
N LEU B 103 -2.20 -4.62 -23.77
CA LEU B 103 -1.08 -5.35 -23.12
C LEU B 103 0.25 -4.91 -23.74
N SER B 104 0.21 -4.00 -24.71
CA SER B 104 1.40 -3.38 -25.33
C SER B 104 1.04 -1.99 -25.85
N MET B 105 2.08 -1.20 -26.14
CA MET B 105 1.98 0.14 -26.76
C MET B 105 1.22 0.05 -28.07
N ARG B 106 1.59 -0.92 -28.93
CA ARG B 106 0.95 -1.13 -30.26
C ARG B 106 -0.55 -1.37 -30.07
N GLU B 107 -0.94 -2.16 -29.05
CA GLU B 107 -2.36 -2.50 -28.82
C GLU B 107 -3.14 -1.23 -28.48
N ASN B 108 -2.61 -0.40 -27.58
CA ASN B 108 -3.25 0.89 -27.21
C ASN B 108 -3.35 1.79 -28.45
N VAL B 109 -2.27 1.89 -29.22
CA VAL B 109 -2.21 2.75 -30.43
C VAL B 109 -3.32 2.32 -31.41
N GLU B 110 -3.40 1.02 -31.70
CA GLU B 110 -4.35 0.48 -32.71
C GLU B 110 -5.79 0.69 -32.22
N MET B 111 -6.05 0.47 -30.92
CA MET B 111 -7.38 0.73 -30.33
C MET B 111 -7.71 2.23 -30.39
N CYS B 112 -6.77 3.10 -30.01
CA CYS B 112 -7.03 4.57 -29.98
C CYS B 112 -7.30 5.09 -31.39
N LYS B 113 -6.57 4.59 -32.40
CA LYS B 113 -6.80 4.95 -33.81
C LYS B 113 -8.28 4.76 -34.15
N ARG B 114 -8.89 3.66 -33.70
CA ARG B 114 -10.33 3.36 -33.97
C ARG B 114 -11.24 4.09 -32.99
N LEU B 115 -10.82 4.31 -31.74
CA LEU B 115 -11.67 5.03 -30.75
C LEU B 115 -11.85 6.50 -31.17
N ALA B 116 -10.85 7.08 -31.83
CA ALA B 116 -10.78 8.52 -32.19
C ALA B 116 -12.11 8.98 -32.83
N ALA B 117 -12.60 8.23 -33.81
CA ALA B 117 -13.82 8.56 -34.59
C ALA B 117 -15.04 8.57 -33.66
N VAL B 118 -15.15 7.58 -32.77
CA VAL B 118 -16.33 7.42 -31.88
C VAL B 118 -16.29 8.51 -30.80
N ALA B 119 -15.10 8.81 -30.25
CA ALA B 119 -14.91 9.96 -29.35
C ALA B 119 -15.45 11.22 -30.04
N THR B 120 -15.03 11.48 -31.28
CA THR B 120 -15.45 12.69 -32.05
C THR B 120 -16.97 12.70 -32.20
N GLU B 121 -17.56 11.59 -32.63
CA GLU B 121 -18.97 11.51 -33.08
C GLU B 121 -19.91 11.41 -31.86
N LYS B 122 -19.51 10.70 -30.81
CA LYS B 122 -20.42 10.34 -29.69
C LYS B 122 -19.98 10.98 -28.37
N GLY B 123 -18.70 11.32 -28.22
CA GLY B 123 -18.17 12.04 -27.04
C GLY B 123 -17.76 11.09 -25.91
N VAL B 124 -17.67 9.78 -26.18
CA VAL B 124 -17.03 8.82 -25.23
C VAL B 124 -15.63 9.35 -24.87
N ILE B 125 -15.24 9.21 -23.61
CA ILE B 125 -13.96 9.73 -23.09
C ILE B 125 -13.10 8.53 -22.72
N LEU B 126 -11.87 8.53 -23.21
CA LEU B 126 -10.87 7.48 -22.90
C LEU B 126 -10.34 7.65 -21.47
N GLU B 127 -10.42 6.58 -20.69
CA GLU B 127 -9.57 6.39 -19.49
C GLU B 127 -8.54 5.31 -19.81
N LEU B 128 -7.31 5.72 -20.04
CA LEU B 128 -6.19 4.81 -20.41
C LEU B 128 -5.64 4.21 -19.10
N ASN B 129 -5.74 2.90 -18.99
CA ASN B 129 -5.25 2.15 -17.80
C ASN B 129 -3.74 1.96 -17.91
N LEU B 130 -2.96 2.65 -17.07
CA LEU B 130 -1.48 2.48 -16.97
C LEU B 130 -1.12 1.60 -15.78
N SER B 131 -2.11 0.93 -15.17
CA SER B 131 -1.99 0.14 -13.91
C SER B 131 -2.59 -1.25 -14.10
N PRO B 139 7.74 -4.40 -14.55
CA PRO B 139 6.66 -3.84 -13.71
C PRO B 139 5.55 -3.20 -14.54
N GLN B 140 4.38 -2.95 -13.92
CA GLN B 140 3.26 -2.26 -14.60
C GLN B 140 3.74 -0.90 -15.10
N VAL B 141 3.11 -0.40 -16.16
CA VAL B 141 3.63 0.73 -16.98
C VAL B 141 3.89 1.93 -16.05
N ALA B 142 2.94 2.26 -15.17
CA ALA B 142 3.03 3.48 -14.34
C ALA B 142 4.17 3.38 -13.32
N TYR B 143 4.72 2.18 -13.08
CA TYR B 143 5.90 2.02 -12.18
C TYR B 143 7.20 1.99 -12.98
N ASP B 144 7.10 2.13 -14.30
CA ASP B 144 8.26 2.25 -15.22
C ASP B 144 8.12 3.59 -15.95
N PHE B 145 8.77 4.63 -15.41
CA PHE B 145 8.56 6.03 -15.85
C PHE B 145 8.87 6.16 -17.34
N ASP B 146 9.90 5.48 -17.85
CA ASP B 146 10.28 5.53 -19.30
C ASP B 146 9.16 4.92 -20.14
N ALA B 147 8.67 3.74 -19.75
CA ALA B 147 7.58 3.01 -20.42
C ALA B 147 6.31 3.88 -20.43
N MET B 148 6.02 4.55 -19.32
CA MET B 148 4.81 5.40 -19.20
C MET B 148 4.90 6.55 -20.21
N ARG B 149 6.02 7.27 -20.24
CA ARG B 149 6.21 8.40 -21.19
C ARG B 149 6.04 7.85 -22.61
N GLN B 150 6.67 6.71 -22.91
CA GLN B 150 6.62 6.11 -24.27
C GLN B 150 5.16 5.82 -24.65
N CYS B 151 4.42 5.16 -23.75
N CYS B 151 4.38 5.18 -23.77
CA CYS B 151 2.99 4.81 -23.96
CA CYS B 151 2.96 4.80 -24.07
C CYS B 151 2.18 6.08 -24.25
C CYS B 151 2.12 6.07 -24.24
N LEU B 152 2.33 7.09 -23.41
CA LEU B 152 1.55 8.35 -23.53
C LEU B 152 1.95 9.08 -24.82
N THR B 153 3.23 9.05 -25.19
CA THR B 153 3.69 9.62 -26.48
C THR B 153 2.97 8.89 -27.62
N ALA B 154 3.02 7.56 -27.64
CA ALA B 154 2.43 6.73 -28.72
C ALA B 154 0.93 7.02 -28.83
N VAL B 155 0.23 7.05 -27.71
CA VAL B 155 -1.25 7.29 -27.69
C VAL B 155 -1.52 8.74 -28.12
N SER B 156 -0.81 9.73 -27.56
CA SER B 156 -1.01 11.16 -27.88
C SER B 156 -0.83 11.40 -29.39
N GLU B 157 0.16 10.74 -30.00
CA GLU B 157 0.47 10.86 -31.46
C GLU B 157 -0.76 10.52 -32.30
N VAL B 158 -1.54 9.52 -31.91
CA VAL B 158 -2.59 8.94 -32.79
C VAL B 158 -3.99 9.29 -32.29
N TYR B 159 -4.13 9.78 -31.07
CA TYR B 159 -5.45 10.02 -30.44
C TYR B 159 -5.69 11.53 -30.35
N PRO B 160 -6.46 12.13 -31.27
CA PRO B 160 -6.67 13.58 -31.31
C PRO B 160 -7.77 14.05 -30.35
N HIS B 161 -7.70 13.60 -29.09
CA HIS B 161 -8.71 13.93 -28.06
C HIS B 161 -8.05 14.01 -26.70
N SER B 162 -8.68 14.73 -25.79
CA SER B 162 -8.42 14.69 -24.35
C SER B 162 -8.64 13.24 -23.88
N PHE B 163 -7.86 12.80 -22.92
CA PHE B 163 -8.12 11.50 -22.26
C PHE B 163 -7.58 11.60 -20.84
N GLY B 164 -7.86 10.58 -20.06
CA GLY B 164 -7.32 10.47 -18.70
C GLY B 164 -6.55 9.20 -18.57
N VAL B 165 -5.83 9.09 -17.47
CA VAL B 165 -4.99 7.92 -17.15
C VAL B 165 -5.42 7.38 -15.79
N LYS B 166 -5.57 6.08 -15.72
CA LYS B 166 -5.82 5.37 -14.45
C LYS B 166 -4.46 4.98 -13.91
N MET B 167 -4.15 5.46 -12.71
CA MET B 167 -2.80 5.32 -12.13
C MET B 167 -2.83 4.32 -11.00
N PRO B 168 -1.77 3.53 -10.83
CA PRO B 168 -1.60 2.72 -9.64
C PRO B 168 -1.19 3.71 -8.55
N PRO B 169 -1.31 3.34 -7.26
CA PRO B 169 -0.81 4.20 -6.19
C PRO B 169 0.73 4.29 -6.19
N TYR B 170 1.23 5.47 -5.87
CA TYR B 170 2.62 5.66 -5.45
C TYR B 170 2.66 5.89 -3.94
N PHE B 171 3.85 5.73 -3.38
CA PHE B 171 4.09 5.64 -1.92
C PHE B 171 5.29 6.50 -1.53
N ASP B 172 5.76 7.34 -2.44
CA ASP B 172 7.02 8.10 -2.25
C ASP B 172 6.88 9.41 -3.02
N PHE B 173 7.27 10.53 -2.42
CA PHE B 173 7.21 11.88 -3.05
C PHE B 173 8.07 11.88 -4.32
N ALA B 174 9.19 11.15 -4.34
CA ALA B 174 10.04 11.09 -5.55
C ALA B 174 9.22 10.51 -6.71
N HIS B 175 8.37 9.53 -6.43
CA HIS B 175 7.52 8.87 -7.45
C HIS B 175 6.36 9.79 -7.83
N PHE B 176 5.73 10.45 -6.86
CA PHE B 176 4.71 11.47 -7.19
C PHE B 176 5.31 12.48 -8.16
N ASP B 177 6.51 12.97 -7.85
CA ASP B 177 7.20 14.01 -8.65
C ASP B 177 7.48 13.47 -10.05
N ALA B 178 8.02 12.27 -10.16
CA ALA B 178 8.48 11.67 -11.42
C ALA B 178 7.25 11.42 -12.30
N ALA B 179 6.19 10.86 -11.70
CA ALA B 179 4.92 10.54 -12.39
C ALA B 179 4.28 11.84 -12.86
N ALA B 180 4.19 12.84 -11.98
CA ALA B 180 3.55 14.13 -12.28
C ALA B 180 4.31 14.80 -13.43
N GLU B 181 5.65 14.76 -13.36
CA GLU B 181 6.53 15.37 -14.40
C GLU B 181 6.15 14.76 -15.75
N ILE B 182 6.01 13.44 -15.82
CA ILE B 182 5.68 12.74 -17.10
C ILE B 182 4.27 13.16 -17.53
N LEU B 183 3.28 13.12 -16.63
CA LEU B 183 1.89 13.37 -17.02
C LEU B 183 1.77 14.82 -17.49
N ASN B 184 2.52 15.71 -16.84
CA ASN B 184 2.55 17.16 -17.19
C ASN B 184 3.20 17.40 -18.55
N GLU B 185 3.85 16.41 -19.15
CA GLU B 185 4.38 16.53 -20.54
C GLU B 185 3.25 16.38 -21.55
N PHE B 186 2.08 15.88 -21.15
CA PHE B 186 0.98 15.51 -22.07
C PHE B 186 -0.26 16.33 -21.77
N PRO B 187 -0.46 17.45 -22.47
CA PRO B 187 -1.64 18.28 -22.25
C PRO B 187 -2.93 17.49 -22.51
N LYS B 188 -2.90 16.50 -23.41
CA LYS B 188 -4.08 15.69 -23.74
C LYS B 188 -4.52 14.86 -22.53
N VAL B 189 -3.62 14.59 -21.59
CA VAL B 189 -4.00 13.90 -20.32
C VAL B 189 -4.67 14.97 -19.46
N GLN B 190 -6.00 15.03 -19.53
CA GLN B 190 -6.80 16.08 -18.87
C GLN B 190 -7.27 15.59 -17.51
N PHE B 191 -7.25 14.28 -17.26
CA PHE B 191 -7.56 13.78 -15.90
C PHE B 191 -6.67 12.58 -15.58
N ILE B 192 -6.50 12.41 -14.27
CA ILE B 192 -5.71 11.32 -13.65
C ILE B 192 -6.65 10.65 -12.68
N THR B 193 -6.88 9.36 -12.84
CA THR B 193 -7.69 8.59 -11.88
C THR B 193 -6.74 7.91 -10.90
N CYS B 194 -6.86 8.33 -9.64
CA CYS B 194 -6.08 7.84 -8.48
C CYS B 194 -7.09 7.22 -7.53
N ILE B 195 -7.10 5.90 -7.35
CA ILE B 195 -6.04 4.98 -7.71
C ILE B 195 -6.65 3.67 -8.19
N ASN B 196 -5.84 2.93 -8.92
CA ASN B 196 -6.02 1.47 -9.10
C ASN B 196 -5.78 0.82 -7.74
N SER B 197 -5.94 -0.49 -7.68
CA SER B 197 -5.78 -1.31 -6.47
C SER B 197 -4.40 -1.05 -5.85
N ILE B 198 -4.29 -1.21 -4.54
CA ILE B 198 -2.96 -1.42 -3.94
C ILE B 198 -2.52 -2.82 -4.39
N GLY B 199 -1.49 -2.88 -5.22
CA GLY B 199 -1.08 -4.09 -5.95
C GLY B 199 -0.63 -5.21 -5.03
N ASN B 200 -1.00 -6.44 -5.37
CA ASN B 200 -0.30 -7.65 -4.89
C ASN B 200 -0.25 -7.69 -3.37
N GLY B 201 -1.38 -7.39 -2.73
CA GLY B 201 -1.65 -7.82 -1.36
C GLY B 201 -1.81 -9.33 -1.31
N LEU B 202 -1.82 -9.89 -0.12
CA LEU B 202 -1.99 -11.35 0.05
C LEU B 202 -2.90 -11.54 1.24
N VAL B 203 -4.13 -11.91 0.98
CA VAL B 203 -5.08 -12.22 2.06
C VAL B 203 -4.93 -13.70 2.38
N ILE B 204 -4.78 -13.98 3.67
CA ILE B 204 -4.75 -15.37 4.18
C ILE B 204 -5.92 -15.52 5.14
N ASP B 205 -6.72 -16.55 4.92
CA ASP B 205 -7.87 -16.93 5.78
C ASP B 205 -7.29 -17.79 6.89
N ALA B 206 -7.32 -17.30 8.14
CA ALA B 206 -6.72 -18.00 9.31
C ALA B 206 -7.39 -19.36 9.47
N GLU B 207 -8.67 -19.47 9.13
CA GLU B 207 -9.45 -20.71 9.38
C GLU B 207 -8.99 -21.79 8.39
N THR B 208 -8.89 -21.46 7.10
CA THR B 208 -8.50 -22.41 6.02
C THR B 208 -6.96 -22.48 5.90
N GLU B 209 -6.21 -21.58 6.53
CA GLU B 209 -4.73 -21.53 6.41
C GLU B 209 -4.36 -21.47 4.94
N SER B 210 -5.15 -20.72 4.18
CA SER B 210 -4.98 -20.63 2.72
C SER B 210 -5.16 -19.18 2.30
N VAL B 211 -4.68 -18.90 1.11
CA VAL B 211 -5.03 -17.68 0.34
C VAL B 211 -6.50 -17.81 -0.08
N VAL B 212 -7.07 -16.76 -0.64
CA VAL B 212 -8.54 -16.69 -0.88
C VAL B 212 -8.81 -16.51 -2.37
N ILE B 213 -7.77 -16.26 -3.17
CA ILE B 213 -7.94 -16.22 -4.65
C ILE B 213 -6.91 -17.14 -5.29
N LYS B 214 -7.28 -17.68 -6.45
CA LYS B 214 -6.50 -18.76 -7.10
C LYS B 214 -5.30 -18.21 -7.85
N PRO B 215 -5.42 -17.15 -8.68
CA PRO B 215 -4.31 -16.72 -9.50
C PRO B 215 -3.14 -16.24 -8.65
N LYS B 216 -1.92 -16.36 -9.19
CA LYS B 216 -0.70 -15.70 -8.69
C LYS B 216 -0.52 -16.01 -7.20
N GLN B 217 -0.75 -17.27 -6.79
N GLN B 217 -0.76 -17.28 -6.83
CA GLN B 217 -0.43 -17.76 -5.42
CA GLN B 217 -0.54 -17.84 -5.47
C GLN B 217 -1.23 -16.96 -4.39
C GLN B 217 -1.21 -16.93 -4.43
N GLY B 218 -2.36 -16.37 -4.77
CA GLY B 218 -3.24 -15.64 -3.84
C GLY B 218 -2.96 -14.14 -3.78
N PHE B 219 -1.97 -13.66 -4.52
CA PHE B 219 -1.60 -12.22 -4.59
C PHE B 219 -2.59 -11.52 -5.51
N GLY B 220 -3.12 -10.38 -5.07
CA GLY B 220 -4.09 -9.62 -5.85
C GLY B 220 -4.24 -8.19 -5.37
N GLY B 221 -4.90 -7.37 -6.18
CA GLY B 221 -5.09 -5.95 -5.88
C GLY B 221 -6.04 -5.77 -4.71
N LEU B 222 -5.67 -4.92 -3.76
CA LEU B 222 -6.55 -4.57 -2.63
C LEU B 222 -7.42 -3.39 -3.03
N GLY B 223 -8.70 -3.48 -2.70
CA GLY B 223 -9.64 -2.35 -2.78
C GLY B 223 -10.37 -2.17 -1.47
N GLY B 224 -11.15 -1.09 -1.38
CA GLY B 224 -12.05 -0.85 -0.26
C GLY B 224 -11.35 -0.11 0.86
N ARG B 225 -11.70 -0.43 2.11
N ARG B 225 -11.70 -0.44 2.10
CA ARG B 225 -11.30 0.36 3.30
CA ARG B 225 -11.29 0.35 3.28
C ARG B 225 -9.78 0.31 3.51
C ARG B 225 -9.76 0.37 3.38
N TYR B 226 -9.10 -0.73 3.01
CA TYR B 226 -7.62 -0.81 3.03
C TYR B 226 -7.00 0.40 2.33
N VAL B 227 -7.62 0.91 1.28
CA VAL B 227 -6.86 1.76 0.31
C VAL B 227 -7.22 3.23 0.46
N LEU B 228 -8.13 3.60 1.36
CA LEU B 228 -8.65 4.99 1.34
C LEU B 228 -7.53 6.00 1.56
N PRO B 229 -6.70 5.90 2.63
CA PRO B 229 -5.64 6.90 2.83
C PRO B 229 -4.61 6.95 1.69
N THR B 230 -4.30 5.80 1.08
CA THR B 230 -3.45 5.73 -0.11
C THR B 230 -4.12 6.47 -1.26
N ALA B 231 -5.42 6.25 -1.46
CA ALA B 231 -6.18 6.90 -2.55
C ALA B 231 -6.14 8.41 -2.29
N LEU B 232 -6.48 8.83 -1.08
CA LEU B 232 -6.51 10.29 -0.74
C LEU B 232 -5.11 10.88 -0.98
N ALA B 233 -4.04 10.15 -0.62
CA ALA B 233 -2.65 10.62 -0.78
C ALA B 233 -2.39 10.85 -2.26
N ASN B 234 -2.73 9.87 -3.09
CA ASN B 234 -2.46 9.94 -4.54
C ASN B 234 -3.32 11.06 -5.15
N ILE B 235 -4.60 11.11 -4.80
CA ILE B 235 -5.51 12.17 -5.31
C ILE B 235 -4.86 13.52 -5.01
N ASN B 236 -4.49 13.75 -3.76
CA ASN B 236 -3.98 15.05 -3.31
C ASN B 236 -2.62 15.32 -3.95
N ALA B 237 -1.74 14.30 -4.01
CA ALA B 237 -0.38 14.45 -4.56
C ALA B 237 -0.47 14.94 -6.01
N PHE B 238 -1.35 14.33 -6.82
CA PHE B 238 -1.50 14.68 -8.24
C PHE B 238 -2.33 15.96 -8.39
N TYR B 239 -3.33 16.14 -7.51
CA TYR B 239 -4.08 17.41 -7.46
C TYR B 239 -3.08 18.57 -7.34
N ARG B 240 -2.10 18.43 -6.45
CA ARG B 240 -1.08 19.49 -6.18
C ARG B 240 -0.11 19.61 -7.35
N ARG B 241 0.38 18.49 -7.89
CA ARG B 241 1.50 18.51 -8.85
C ARG B 241 1.03 18.67 -10.30
N CYS B 242 -0.25 18.46 -10.57
CA CYS B 242 -0.81 18.52 -11.95
C CYS B 242 -1.97 19.50 -11.95
N PRO B 243 -1.70 20.79 -11.63
CA PRO B 243 -2.76 21.79 -11.51
C PRO B 243 -3.52 22.05 -12.81
N GLY B 244 -2.97 21.64 -13.95
CA GLY B 244 -3.60 21.78 -15.27
C GLY B 244 -4.59 20.65 -15.55
N LYS B 245 -4.65 19.68 -14.64
CA LYS B 245 -5.46 18.45 -14.84
C LYS B 245 -6.50 18.34 -13.73
N LEU B 246 -7.53 17.56 -14.00
CA LEU B 246 -8.51 17.14 -12.98
C LEU B 246 -8.06 15.78 -12.45
N ILE B 247 -8.47 15.49 -11.23
CA ILE B 247 -8.21 14.20 -10.58
C ILE B 247 -9.55 13.52 -10.41
N PHE B 248 -9.62 12.25 -10.78
CA PHE B 248 -10.77 11.39 -10.43
C PHE B 248 -10.29 10.52 -9.27
N GLY B 249 -11.04 10.54 -8.19
CA GLY B 249 -10.75 9.71 -7.02
C GLY B 249 -11.30 8.31 -7.23
N CYS B 250 -10.54 7.33 -6.77
CA CYS B 250 -10.96 5.92 -6.78
C CYS B 250 -10.24 5.22 -5.64
N GLY B 251 -11.00 4.59 -4.75
CA GLY B 251 -10.39 3.85 -3.64
C GLY B 251 -11.09 4.11 -2.34
N GLY B 252 -11.73 3.09 -1.79
CA GLY B 252 -12.25 3.10 -0.41
C GLY B 252 -13.51 3.94 -0.24
N VAL B 253 -14.25 4.22 -1.30
CA VAL B 253 -15.53 4.98 -1.18
C VAL B 253 -16.65 4.00 -0.86
N TYR B 254 -17.20 4.10 0.35
CA TYR B 254 -18.40 3.33 0.77
C TYR B 254 -19.55 4.28 1.09
N THR B 255 -19.23 5.54 1.41
CA THR B 255 -20.20 6.51 1.97
C THR B 255 -19.99 7.87 1.32
N GLY B 256 -21.00 8.74 1.49
CA GLY B 256 -20.93 10.15 1.09
C GLY B 256 -19.76 10.83 1.79
N GLU B 257 -19.48 10.44 3.02
CA GLU B 257 -18.35 11.01 3.79
C GLU B 257 -17.03 10.63 3.13
N ASP B 258 -16.88 9.38 2.68
CA ASP B 258 -15.67 8.94 1.94
C ASP B 258 -15.52 9.81 0.69
N ALA B 259 -16.61 10.00 -0.05
CA ALA B 259 -16.63 10.80 -1.29
C ALA B 259 -16.23 12.23 -0.95
N PHE B 260 -16.74 12.74 0.16
CA PHE B 260 -16.42 14.10 0.66
C PHE B 260 -14.90 14.22 0.82
N LEU B 261 -14.28 13.20 1.41
CA LEU B 261 -12.81 13.14 1.62
C LEU B 261 -12.11 13.15 0.25
N HIS B 262 -12.59 12.35 -0.71
CA HIS B 262 -12.00 12.31 -2.07
C HIS B 262 -12.01 13.73 -2.65
N VAL B 263 -13.12 14.41 -2.53
CA VAL B 263 -13.27 15.75 -3.14
C VAL B 263 -12.38 16.75 -2.40
N LEU B 264 -12.39 16.72 -1.06
N LEU B 264 -12.35 16.69 -1.07
CA LEU B 264 -11.47 17.55 -0.22
CA LEU B 264 -11.50 17.58 -0.24
C LEU B 264 -10.04 17.39 -0.74
C LEU B 264 -10.01 17.36 -0.56
N ALA B 265 -9.63 16.14 -0.99
CA ALA B 265 -8.27 15.81 -1.44
C ALA B 265 -8.02 16.35 -2.85
N GLY B 266 -9.06 16.64 -3.63
CA GLY B 266 -8.92 17.21 -4.99
C GLY B 266 -9.77 16.55 -6.06
N ALA B 267 -10.53 15.49 -5.75
CA ALA B 267 -11.29 14.69 -6.74
C ALA B 267 -12.39 15.54 -7.38
N SER B 268 -12.49 15.45 -8.70
CA SER B 268 -13.63 15.95 -9.50
C SER B 268 -14.70 14.86 -9.59
N MET B 269 -14.34 13.70 -10.12
CA MET B 269 -15.25 12.53 -10.18
C MET B 269 -14.79 11.57 -9.08
N VAL B 270 -15.71 10.77 -8.60
CA VAL B 270 -15.42 9.81 -7.49
C VAL B 270 -15.87 8.45 -7.97
N GLN B 271 -14.93 7.54 -8.13
CA GLN B 271 -15.23 6.18 -8.63
C GLN B 271 -15.40 5.24 -7.45
N VAL B 272 -16.30 4.29 -7.63
CA VAL B 272 -16.71 3.33 -6.58
C VAL B 272 -16.49 1.94 -7.13
N GLY B 273 -15.60 1.17 -6.50
CA GLY B 273 -15.28 -0.19 -6.94
C GLY B 273 -15.87 -1.21 -5.99
N THR B 274 -15.10 -1.60 -5.00
CA THR B 274 -15.47 -2.65 -4.04
C THR B 274 -16.90 -2.43 -3.52
N ALA B 275 -17.23 -1.23 -3.05
CA ALA B 275 -18.54 -0.96 -2.42
C ALA B 275 -19.65 -1.23 -3.43
N LEU B 276 -19.42 -0.86 -4.70
CA LEU B 276 -20.38 -1.09 -5.81
C LEU B 276 -20.48 -2.60 -6.07
N GLN B 277 -19.36 -3.30 -6.09
CA GLN B 277 -19.36 -4.77 -6.30
C GLN B 277 -20.29 -5.41 -5.25
N GLU B 278 -20.23 -4.93 -4.01
CA GLU B 278 -20.91 -5.59 -2.88
C GLU B 278 -22.38 -5.15 -2.82
N GLU B 279 -22.73 -3.96 -3.29
CA GLU B 279 -24.07 -3.37 -3.06
C GLU B 279 -24.89 -3.33 -4.35
N GLY B 280 -24.24 -3.28 -5.51
CA GLY B 280 -24.95 -3.07 -6.78
C GLY B 280 -25.21 -1.59 -7.03
N PRO B 281 -25.70 -1.25 -8.23
CA PRO B 281 -25.79 0.15 -8.69
C PRO B 281 -26.78 1.02 -7.91
N SER B 282 -27.62 0.43 -7.06
CA SER B 282 -28.49 1.18 -6.12
C SER B 282 -27.60 2.03 -5.19
N ILE B 283 -26.35 1.65 -4.99
CA ILE B 283 -25.39 2.40 -4.13
C ILE B 283 -25.34 3.87 -4.55
N PHE B 284 -25.53 4.19 -5.84
CA PHE B 284 -25.38 5.58 -6.30
C PHE B 284 -26.47 6.46 -5.70
N GLU B 285 -27.68 5.95 -5.51
CA GLU B 285 -28.78 6.74 -4.88
C GLU B 285 -28.37 7.05 -3.43
N ARG B 286 -27.83 6.05 -2.73
CA ARG B 286 -27.38 6.21 -1.33
C ARG B 286 -26.23 7.21 -1.28
N LEU B 287 -25.24 7.09 -2.18
CA LEU B 287 -24.00 7.92 -2.13
C LEU B 287 -24.35 9.38 -2.44
N THR B 288 -25.16 9.64 -3.45
CA THR B 288 -25.60 11.03 -3.78
C THR B 288 -26.32 11.60 -2.56
N SER B 289 -27.26 10.83 -2.00
CA SER B 289 -28.04 11.25 -0.80
C SER B 289 -27.07 11.53 0.35
N GLU B 290 -26.11 10.66 0.60
CA GLU B 290 -25.18 10.79 1.74
C GLU B 290 -24.25 11.97 1.52
N LEU B 291 -23.77 12.18 0.30
CA LEU B 291 -22.83 13.29 0.02
C LEU B 291 -23.58 14.61 0.21
N LEU B 292 -24.82 14.69 -0.26
CA LEU B 292 -25.67 15.89 -0.08
C LEU B 292 -25.88 16.12 1.42
N GLY B 293 -26.11 15.07 2.19
CA GLY B 293 -26.28 15.15 3.66
C GLY B 293 -25.03 15.67 4.33
N VAL B 294 -23.85 15.18 3.92
CA VAL B 294 -22.55 15.65 4.49
C VAL B 294 -22.37 17.13 4.15
N MET B 295 -22.65 17.51 2.91
CA MET B 295 -22.50 18.90 2.44
C MET B 295 -23.51 19.81 3.17
N ALA B 296 -24.74 19.33 3.36
CA ALA B 296 -25.78 20.08 4.10
C ALA B 296 -25.28 20.33 5.53
N LYS B 297 -24.78 19.30 6.21
CA LYS B 297 -24.28 19.41 7.62
C LYS B 297 -23.10 20.37 7.69
N LYS B 298 -22.30 20.45 6.63
CA LYS B 298 -21.06 21.27 6.57
C LYS B 298 -21.31 22.60 5.88
N ARG B 299 -22.54 22.86 5.45
CA ARG B 299 -22.96 24.14 4.81
C ARG B 299 -22.10 24.35 3.57
N TYR B 300 -22.02 23.32 2.71
CA TYR B 300 -21.50 23.43 1.33
C TYR B 300 -22.66 23.24 0.36
N GLN B 301 -22.70 24.07 -0.67
CA GLN B 301 -23.75 24.01 -1.72
C GLN B 301 -23.21 23.28 -2.95
N THR B 302 -21.92 23.43 -3.25
CA THR B 302 -21.30 22.87 -4.47
C THR B 302 -19.98 22.19 -4.09
N LEU B 303 -19.52 21.30 -4.95
CA LEU B 303 -18.25 20.55 -4.75
C LEU B 303 -17.05 21.50 -4.93
N ASP B 304 -17.18 22.49 -5.80
CA ASP B 304 -16.10 23.49 -6.09
C ASP B 304 -15.75 24.24 -4.81
N GLU B 305 -16.66 24.37 -3.86
CA GLU B 305 -16.44 25.12 -2.61
C GLU B 305 -15.40 24.42 -1.72
N PHE B 306 -15.20 23.11 -1.84
CA PHE B 306 -14.24 22.41 -0.95
C PHE B 306 -13.31 21.48 -1.73
N ARG B 307 -13.47 21.34 -3.04
CA ARG B 307 -12.59 20.46 -3.84
C ARG B 307 -11.14 20.90 -3.64
N GLY B 308 -10.29 19.99 -3.19
CA GLY B 308 -8.84 20.23 -3.02
C GLY B 308 -8.53 21.13 -1.83
N LYS B 309 -9.49 21.48 -0.98
CA LYS B 309 -9.31 22.49 0.08
C LYS B 309 -8.98 21.82 1.41
N VAL B 310 -8.55 20.57 1.41
CA VAL B 310 -8.07 19.88 2.64
C VAL B 310 -7.04 20.80 3.32
N ARG B 311 -7.23 21.03 4.61
CA ARG B 311 -6.35 21.91 5.41
C ARG B 311 -5.14 21.11 5.89
N THR B 312 -3.94 21.66 5.70
CA THR B 312 -2.68 21.11 6.26
C THR B 312 -2.39 21.84 7.57
N LEU B 313 -1.54 21.25 8.42
CA LEU B 313 -1.22 21.81 9.76
C LEU B 313 0.18 22.44 9.72
N1 FMN C . 10.24 1.51 11.21
C2 FMN C . 11.58 1.44 11.31
O2 FMN C . 12.22 0.61 10.65
N3 FMN C . 12.28 2.32 12.07
C4 FMN C . 11.67 3.31 12.80
O4 FMN C . 12.34 4.00 13.56
C4A FMN C . 10.27 3.34 12.82
N5 FMN C . 9.65 4.22 13.58
C5A FMN C . 8.29 4.13 13.66
C6 FMN C . 7.60 4.97 14.54
C7 FMN C . 6.24 4.88 14.71
C7M FMN C . 5.54 5.76 15.70
C8 FMN C . 5.51 3.93 13.91
C8M FMN C . 4.01 3.80 14.02
C9 FMN C . 6.16 3.18 12.99
C9A FMN C . 7.56 3.21 12.87
N10 FMN C . 8.25 2.40 11.98
C10 FMN C . 9.61 2.37 11.98
C1' FMN C . 7.52 1.39 11.21
C2' FMN C . 7.24 0.19 12.07
O2' FMN C . 8.46 -0.43 12.47
C3' FMN C . 6.41 -0.82 11.29
O3' FMN C . 7.18 -1.21 10.16
C4' FMN C . 5.05 -0.30 10.84
O4' FMN C . 4.46 0.50 11.88
C5' FMN C . 4.08 -1.40 10.45
O5' FMN C . 3.77 -2.24 11.60
P FMN C . 2.35 -2.06 12.34
O1P FMN C . 1.28 -2.29 11.34
O2P FMN C . 2.34 -0.62 12.89
O3P FMN C . 2.46 -3.10 13.44
HN3 FMN C . 13.14 2.25 12.06
H6 FMN C . 8.10 5.57 15.10
HM71 FMN C . 4.67 5.39 15.93
HM72 FMN C . 5.43 6.65 15.33
HM73 FMN C . 6.07 5.82 16.51
HM81 FMN C . 3.68 3.20 13.34
HM82 FMN C . 3.60 4.68 13.89
HM83 FMN C . 3.77 3.46 14.90
H9 FMN C . 5.67 2.53 12.48
H1'1 FMN C . 8.06 1.13 10.44
H1'2 FMN C . 6.69 1.77 10.88
H2' FMN C . 6.74 0.46 12.88
HO2' FMN C . 8.47 -1.23 12.19
H3' FMN C . 6.27 -1.62 11.85
HO3' FMN C . 6.72 -1.05 9.46
H4' FMN C . 5.19 0.29 10.04
HO4' FMN C . 3.70 0.22 12.09
H5'1 FMN C . 4.49 -1.95 9.75
H5'2 FMN C . 3.27 -1.00 10.10
CAF SNU D . 9.58 1.10 -6.65
CAD SNU D . 10.71 1.19 -7.44
CAJ SNU D . 10.64 1.83 -8.66
NAA SNU D . 11.81 1.90 -9.47
CAE SNU D . 9.46 2.40 -9.09
CAG SNU D . 8.33 2.33 -8.30
CAK SNU D . 8.38 1.68 -7.07
NAL SNU D . 7.22 1.54 -6.22
CAH SNU D . 5.94 1.44 -6.63
CAB SNU D . 5.16 1.27 -5.53
CAC SNU D . 5.97 1.29 -4.43
CAI SNU D . 7.25 1.44 -4.87
HAF SNU D . 9.63 0.59 -5.70
HAD SNU D . 11.64 0.74 -7.12
HNAA SNU D . 12.69 1.49 -9.14
HNAB SNU D . 11.79 2.36 -10.37
HAE SNU D . 9.43 2.91 -10.05
HAG SNU D . 7.39 2.76 -8.63
HAH SNU D . 5.61 1.46 -7.65
HAB SNU D . 4.09 1.18 -5.52
HAC SNU D . 5.65 1.19 -3.41
HAI SNU D . 8.12 1.48 -4.26
S SO4 E . 11.85 -22.11 6.67
O1 SO4 E . 12.30 -23.36 7.25
O2 SO4 E . 12.55 -21.01 7.29
O3 SO4 E . 12.12 -22.11 5.26
O4 SO4 E . 10.44 -21.94 6.90
S SO4 F . 28.06 -13.39 12.78
O1 SO4 F . 27.80 -14.73 13.24
O2 SO4 F . 29.16 -12.84 13.51
O3 SO4 F . 28.39 -13.44 11.37
O4 SO4 F . 26.88 -12.59 12.97
S SO4 G . 34.12 -9.97 6.78
O1 SO4 G . 35.07 -9.91 7.85
O2 SO4 G . 33.73 -8.63 6.41
O3 SO4 G . 34.72 -10.62 5.64
O4 SO4 G . 32.96 -10.70 7.20
S SO4 H . 14.33 11.27 21.15
O1 SO4 H . 14.17 11.24 22.58
O2 SO4 H . 15.07 12.44 20.77
O3 SO4 H . 15.04 10.11 20.75
O4 SO4 H . 13.04 11.30 20.54
C1 GOL I . -9.66 8.52 5.90
O1 GOL I . -8.86 9.67 6.13
C2 GOL I . -9.95 7.74 7.16
O2 GOL I . -11.15 7.00 6.96
C3 GOL I . -10.12 8.56 8.43
O3 GOL I . -10.14 7.71 9.59
H11 GOL I . -9.18 7.92 5.27
H12 GOL I . -10.51 8.79 5.48
HO1 GOL I . -8.73 10.04 5.38
H2 GOL I . -9.22 7.11 7.32
HO2 GOL I . -11.70 7.17 7.59
H31 GOL I . -10.97 9.06 8.38
H32 GOL I . -9.38 9.19 8.51
HO3 GOL I . -10.82 7.21 9.54
N1 FMN J . -9.20 -1.02 -12.52
C2 FMN J . -9.10 -0.69 -13.79
O2 FMN J . -8.54 0.37 -14.11
N3 FMN J . -9.55 -1.49 -14.78
C4 FMN J . -10.15 -2.71 -14.53
O4 FMN J . -10.61 -3.37 -15.46
C4A FMN J . -10.37 -3.05 -13.18
N5 FMN J . -11.02 -4.16 -12.88
C5A FMN J . -11.31 -4.36 -11.55
C6 FMN J . -12.09 -5.47 -11.20
C7 FMN J . -12.49 -5.68 -9.90
C7M FMN J . -13.38 -6.85 -9.56
C8 FMN J . -12.01 -4.83 -8.88
C8M FMN J . -12.36 -5.06 -7.43
C9 FMN J . -11.16 -3.80 -9.21
C9A FMN J . -10.83 -3.51 -10.53
N10 FMN J . -10.04 -2.43 -10.90
C10 FMN J . -9.85 -2.12 -12.22
C1' FMN J . -9.60 -1.47 -9.87
C2' FMN J . -10.72 -0.50 -9.56
O2' FMN J . -11.08 0.24 -10.74
C3' FMN J . -10.30 0.44 -8.43
O3' FMN J . -9.16 1.16 -8.89
C4' FMN J . -9.96 -0.30 -7.12
O4' FMN J . -10.89 -1.37 -6.91
C5' FMN J . -9.99 0.61 -5.91
O5' FMN J . -11.34 1.17 -5.71
P FMN J . -12.27 0.57 -4.52
O1P FMN J . -11.47 0.78 -3.25
O2P FMN J . -12.46 -0.88 -4.86
O3P FMN J . -13.52 1.40 -4.64
HN3 FMN J . -9.42 -1.25 -15.60
H6 FMN J . -12.46 -6.02 -11.90
HM71 FMN J . -13.73 -6.76 -8.67
HM72 FMN J . -12.87 -7.68 -9.62
HM73 FMN J . -14.12 -6.89 -10.20
HM81 FMN J . -11.90 -4.41 -6.87
HM82 FMN J . -12.09 -5.96 -7.17
HM83 FMN J . -13.31 -4.96 -7.30
H9 FMN J . -10.88 -3.20 -8.51
H1'1 FMN J . -8.83 -0.98 -10.19
H1'2 FMN J . -9.34 -1.95 -9.06
H2' FMN J . -11.52 -1.01 -9.26
HO2' FMN J . -10.99 1.06 -10.59
H3' FMN J . -11.04 1.08 -8.26
HO3' FMN J . -8.52 1.04 -8.34
H4' FMN J . -9.05 -0.68 -7.20
HO4' FMN J . -11.28 -1.30 -6.17
H5'1 FMN J . -9.36 1.35 -6.04
H5'2 FMN J . -9.73 0.11 -5.11
S SO4 K . -1.14 23.67 1.62
O1 SO4 K . -0.23 23.04 2.55
O2 SO4 K . -1.48 24.98 2.11
O3 SO4 K . -0.50 23.79 0.34
O4 SO4 K . -2.33 22.87 1.50
C1 GOL L . -8.13 -11.55 6.71
O1 GOL L . -9.45 -11.00 6.64
C2 GOL L . -7.10 -10.46 6.80
O2 GOL L . -7.22 -9.82 8.08
C3 GOL L . -5.65 -10.90 6.63
O3 GOL L . -5.48 -11.88 5.62
H11 GOL L . -7.96 -12.10 5.91
H12 GOL L . -8.07 -12.14 7.51
HO1 GOL L . -10.00 -11.64 6.59
H2 GOL L . -7.29 -9.80 6.11
HO2 GOL L . -6.46 -9.84 8.46
H31 GOL L . -5.32 -11.26 7.49
H32 GOL L . -5.11 -10.11 6.40
HO3 GOL L . -5.63 -11.50 4.88
C1 GOL M . -7.04 -26.09 8.92
O1 GOL M . -8.18 -25.54 8.26
C2 GOL M . -6.19 -26.93 7.99
O2 GOL M . -6.31 -26.40 6.66
C3 GOL M . -4.72 -27.01 8.38
O3 GOL M . -4.29 -28.34 8.66
H11 GOL M . -7.34 -26.65 9.67
H12 GOL M . -6.50 -25.35 9.28
HO1 GOL M . -8.63 -25.09 8.83
H2 GOL M . -6.56 -27.84 7.99
HO2 GOL M . -5.53 -26.26 6.39
H31 GOL M . -4.57 -26.45 9.18
H32 GOL M . -4.17 -26.64 7.65
HO3 GOL M . -4.82 -28.68 9.22
C1 GOL N . -12.30 16.06 -27.33
O1 GOL N . -11.15 15.86 -26.52
C2 GOL N . -12.10 17.18 -28.34
O2 GOL N . -11.12 16.80 -29.29
C3 GOL N . -13.38 17.58 -29.05
O3 GOL N . -13.78 16.59 -29.99
H11 GOL N . -13.06 16.28 -26.75
H12 GOL N . -12.50 15.23 -27.81
HO1 GOL N . -11.30 15.24 -25.99
H2 GOL N . -11.77 17.97 -27.85
HO2 GOL N . -11.47 16.90 -30.07
H31 GOL N . -13.25 18.43 -29.51
H32 GOL N . -14.11 17.70 -28.38
HO3 GOL N . -13.20 16.55 -30.60
S SO4 O . -11.22 -13.81 5.24
O1 SO4 O . -11.62 -12.58 5.88
O2 SO4 O . -9.84 -14.07 5.52
O3 SO4 O . -11.40 -13.70 3.82
O4 SO4 O . -12.02 -14.90 5.74
#